data_1ZWV
#
_entry.id   1ZWV
#
_entity_poly.entity_id   1
_entity_poly.type   'polypeptide(L)'
_entity_poly.pdbx_seq_one_letter_code
;GEIKGRKTLATPAVRRLAMENNIKLSEVVGSGKDGRILKEDILNYLEKQTLEHHHHHH
;
_entity_poly.pdbx_strand_id   A
#
# COMPACT_ATOMS: atom_id res chain seq x y z
N GLY A 1 6.48 16.75 2.67
CA GLY A 1 5.45 15.74 2.49
C GLY A 1 5.68 14.51 3.34
N GLU A 2 6.15 14.72 4.57
CA GLU A 2 6.42 13.62 5.48
C GLU A 2 5.11 13.04 6.03
N ILE A 3 5.09 11.72 6.22
CA ILE A 3 3.91 11.05 6.74
C ILE A 3 4.20 10.41 8.10
N LYS A 4 3.26 10.57 9.02
CA LYS A 4 3.41 10.00 10.36
C LYS A 4 2.18 9.19 10.75
N GLY A 5 2.15 7.93 10.32
CA GLY A 5 1.02 7.07 10.62
C GLY A 5 1.17 5.69 10.02
N ARG A 6 1.44 4.70 10.88
CA ARG A 6 1.61 3.32 10.42
C ARG A 6 0.29 2.56 10.53
N LYS A 7 -0.58 2.76 9.56
CA LYS A 7 -1.88 2.09 9.53
C LYS A 7 -2.15 1.48 8.16
N THR A 8 -2.92 0.40 8.13
CA THR A 8 -3.26 -0.26 6.88
C THR A 8 -4.48 -1.16 7.06
N LEU A 9 -5.31 -1.23 6.02
CA LEU A 9 -6.51 -2.05 6.05
C LEU A 9 -6.55 -3.03 4.88
N ALA A 10 -6.15 -4.27 5.15
CA ALA A 10 -6.13 -5.31 4.13
C ALA A 10 -5.68 -6.64 4.69
N THR A 11 -5.85 -7.70 3.91
CA THR A 11 -5.46 -9.03 4.34
C THR A 11 -3.98 -9.09 4.71
N PRO A 12 -3.60 -10.10 5.50
CA PRO A 12 -2.21 -10.29 5.94
C PRO A 12 -1.29 -10.69 4.80
N ALA A 13 -1.88 -11.14 3.69
CA ALA A 13 -1.11 -11.56 2.53
C ALA A 13 -0.75 -10.36 1.65
N VAL A 14 -1.57 -9.32 1.71
CA VAL A 14 -1.34 -8.12 0.93
C VAL A 14 -0.21 -7.27 1.53
N ARG A 15 -0.08 -7.34 2.85
CA ARG A 15 0.95 -6.59 3.54
C ARG A 15 2.34 -7.08 3.16
N ARG A 16 2.60 -8.35 3.42
CA ARG A 16 3.89 -8.95 3.10
C ARG A 16 4.22 -8.82 1.62
N LEU A 17 3.18 -8.89 0.79
CA LEU A 17 3.36 -8.77 -0.66
C LEU A 17 4.15 -7.50 -1.00
N ALA A 18 3.65 -6.36 -0.55
CA ALA A 18 4.30 -5.08 -0.81
C ALA A 18 5.77 -5.12 -0.37
N MET A 19 6.06 -5.94 0.63
CA MET A 19 7.41 -6.08 1.14
C MET A 19 8.32 -6.75 0.12
N GLU A 20 7.74 -7.66 -0.67
CA GLU A 20 8.50 -8.38 -1.68
C GLU A 20 9.03 -7.42 -2.74
N ASN A 21 8.38 -6.27 -2.89
CA ASN A 21 8.79 -5.27 -3.86
C ASN A 21 9.37 -4.04 -3.17
N ASN A 22 9.70 -4.18 -1.89
CA ASN A 22 10.25 -3.08 -1.11
C ASN A 22 9.31 -1.88 -1.12
N ILE A 23 8.07 -2.10 -0.68
CA ILE A 23 7.07 -1.04 -0.64
C ILE A 23 6.20 -1.16 0.60
N LYS A 24 5.99 -0.04 1.28
CA LYS A 24 5.16 -0.03 2.48
C LYS A 24 3.70 -0.32 2.16
N LEU A 25 2.82 -0.13 3.13
CA LEU A 25 1.40 -0.37 2.94
C LEU A 25 0.61 0.92 3.08
N SER A 26 1.13 1.85 3.86
CA SER A 26 0.46 3.14 4.09
C SER A 26 0.69 4.08 2.91
N GLU A 27 1.82 3.87 2.21
CA GLU A 27 2.16 4.71 1.08
C GLU A 27 1.35 4.31 -0.16
N VAL A 28 0.91 3.06 -0.18
CA VAL A 28 0.11 2.55 -1.30
C VAL A 28 -1.20 3.31 -1.44
N VAL A 29 -1.70 3.39 -2.66
CA VAL A 29 -2.96 4.09 -2.92
C VAL A 29 -4.14 3.34 -2.33
N GLY A 30 -4.88 4.02 -1.46
CA GLY A 30 -6.04 3.40 -0.83
C GLY A 30 -6.73 4.32 0.15
N SER A 31 -7.73 3.80 0.86
CA SER A 31 -8.47 4.58 1.84
C SER A 31 -8.26 4.04 3.25
N GLY A 32 -7.75 2.81 3.32
CA GLY A 32 -7.52 2.20 4.62
C GLY A 32 -8.74 2.23 5.52
N LYS A 33 -9.92 2.25 4.90
CA LYS A 33 -11.17 2.29 5.65
C LYS A 33 -11.60 0.88 6.06
N ASP A 34 -12.08 0.12 5.09
CA ASP A 34 -12.54 -1.25 5.34
C ASP A 34 -12.00 -2.21 4.29
N GLY A 35 -10.68 -2.32 4.21
CA GLY A 35 -10.06 -3.21 3.24
C GLY A 35 -9.94 -2.56 1.87
N ARG A 36 -10.03 -1.25 1.84
CA ARG A 36 -9.94 -0.51 0.57
C ARG A 36 -8.69 -0.92 -0.20
N ILE A 37 -7.58 -1.04 0.52
CA ILE A 37 -6.31 -1.42 -0.10
C ILE A 37 -6.33 -2.88 -0.55
N LEU A 38 -6.79 -3.10 -1.79
CA LEU A 38 -6.88 -4.45 -2.35
C LEU A 38 -5.78 -4.66 -3.40
N LYS A 39 -5.77 -5.85 -3.99
CA LYS A 39 -4.79 -6.18 -5.02
C LYS A 39 -4.81 -5.14 -6.14
N GLU A 40 -6.00 -4.65 -6.46
CA GLU A 40 -6.15 -3.65 -7.52
C GLU A 40 -5.36 -2.39 -7.19
N ASP A 41 -5.24 -2.09 -5.90
CA ASP A 41 -4.51 -0.91 -5.45
C ASP A 41 -3.01 -1.18 -5.41
N ILE A 42 -2.65 -2.39 -5.00
CA ILE A 42 -1.25 -2.78 -4.91
C ILE A 42 -0.62 -2.94 -6.30
N LEU A 43 -1.25 -3.78 -7.12
CA LEU A 43 -0.77 -4.02 -8.48
C LEU A 43 -0.67 -2.72 -9.26
N ASN A 44 -1.60 -1.80 -9.01
CA ASN A 44 -1.61 -0.51 -9.68
C ASN A 44 -0.54 0.41 -9.10
N TYR A 45 -0.22 0.21 -7.84
CA TYR A 45 0.78 1.04 -7.16
C TYR A 45 2.19 0.60 -7.55
N LEU A 46 2.48 -0.69 -7.38
CA LEU A 46 3.79 -1.23 -7.71
C LEU A 46 4.19 -0.86 -9.14
N GLU A 47 3.20 -0.73 -10.00
CA GLU A 47 3.44 -0.37 -11.41
C GLU A 47 3.60 1.13 -11.56
N LYS A 48 2.76 1.90 -10.85
CA LYS A 48 2.81 3.35 -10.91
C LYS A 48 4.08 3.88 -10.25
N GLN A 49 4.93 4.52 -11.03
CA GLN A 49 6.17 5.08 -10.51
C GLN A 49 5.96 6.49 -9.96
N THR A 50 6.02 6.61 -8.64
CA THR A 50 5.83 7.90 -7.98
C THR A 50 7.16 8.52 -7.59
N LEU A 51 7.99 8.84 -8.59
CA LEU A 51 9.29 9.44 -8.35
C LEU A 51 9.74 10.26 -9.55
N GLU A 52 9.74 11.58 -9.40
CA GLU A 52 10.15 12.48 -10.47
C GLU A 52 10.27 13.91 -9.96
N GLY A 1 2.12 16.37 14.68
CA GLY A 1 2.89 17.22 15.57
C GLY A 1 3.03 16.65 16.97
N GLU A 2 1.96 16.02 17.45
CA GLU A 2 1.97 15.44 18.78
C GLU A 2 2.02 13.91 18.71
N ILE A 3 1.10 13.32 17.94
CA ILE A 3 1.05 11.88 17.78
C ILE A 3 2.17 11.38 16.88
N LYS A 4 2.69 10.19 17.19
CA LYS A 4 3.77 9.61 16.40
C LYS A 4 3.43 8.18 16.00
N GLY A 5 3.36 7.93 14.70
CA GLY A 5 3.04 6.60 14.21
C GLY A 5 2.08 6.63 13.03
N ARG A 6 1.92 5.49 12.38
CA ARG A 6 1.01 5.38 11.24
C ARG A 6 0.33 4.02 11.21
N LYS A 7 -0.68 3.89 10.36
CA LYS A 7 -1.42 2.64 10.23
C LYS A 7 -2.03 2.51 8.83
N THR A 8 -1.65 1.45 8.13
CA THR A 8 -2.15 1.21 6.78
C THR A 8 -3.39 0.33 6.81
N LEU A 9 -4.27 0.52 5.83
CA LEU A 9 -5.50 -0.26 5.74
C LEU A 9 -5.41 -1.31 4.66
N ALA A 10 -5.03 -2.54 5.05
CA ALA A 10 -4.90 -3.64 4.10
C ALA A 10 -4.51 -4.93 4.82
N THR A 11 -4.96 -6.06 4.30
CA THR A 11 -4.66 -7.36 4.88
C THR A 11 -3.15 -7.54 5.04
N PRO A 12 -2.75 -8.47 5.93
CA PRO A 12 -1.35 -8.77 6.19
C PRO A 12 -0.68 -9.47 5.02
N ALA A 13 -1.49 -10.04 4.13
CA ALA A 13 -0.97 -10.74 2.96
C ALA A 13 -0.64 -9.76 1.84
N VAL A 14 -1.35 -8.64 1.82
CA VAL A 14 -1.14 -7.61 0.79
C VAL A 14 0.05 -6.72 1.14
N ARG A 15 0.26 -6.52 2.44
CA ARG A 15 1.36 -5.68 2.91
C ARG A 15 2.71 -6.28 2.52
N ARG A 16 2.78 -7.61 2.48
CA ARG A 16 4.01 -8.30 2.11
C ARG A 16 4.25 -8.23 0.61
N LEU A 17 3.17 -8.08 -0.15
CA LEU A 17 3.26 -8.00 -1.61
C LEU A 17 4.05 -6.76 -2.03
N ALA A 18 3.82 -5.65 -1.33
CA ALA A 18 4.51 -4.41 -1.64
C ALA A 18 5.93 -4.42 -1.09
N MET A 19 6.14 -5.20 -0.03
CA MET A 19 7.47 -5.30 0.58
C MET A 19 8.50 -5.81 -0.42
N GLU A 20 8.13 -6.85 -1.16
CA GLU A 20 9.03 -7.44 -2.16
C GLU A 20 9.40 -6.41 -3.21
N ASN A 21 8.54 -5.42 -3.41
CA ASN A 21 8.79 -4.37 -4.39
C ASN A 21 9.33 -3.12 -3.72
N ASN A 22 9.60 -3.21 -2.43
CA ASN A 22 10.13 -2.08 -1.67
C ASN A 22 9.17 -0.90 -1.72
N ILE A 23 7.92 -1.15 -1.36
CA ILE A 23 6.90 -0.10 -1.36
C ILE A 23 5.93 -0.28 -0.20
N LYS A 24 5.50 0.85 0.37
CA LYS A 24 4.57 0.82 1.50
C LYS A 24 3.13 0.75 1.00
N LEU A 25 2.18 0.83 1.94
CA LEU A 25 0.77 0.79 1.60
C LEU A 25 0.13 2.17 1.72
N SER A 26 0.72 3.02 2.55
CA SER A 26 0.20 4.37 2.75
C SER A 26 0.41 5.21 1.49
N GLU A 27 1.41 4.85 0.70
CA GLU A 27 1.70 5.58 -0.53
C GLU A 27 0.86 5.06 -1.69
N VAL A 28 0.57 3.76 -1.68
CA VAL A 28 -0.23 3.15 -2.73
C VAL A 28 -1.54 3.90 -2.93
N VAL A 29 -1.98 3.98 -4.18
CA VAL A 29 -3.22 4.67 -4.51
C VAL A 29 -4.44 3.88 -4.04
N GLY A 30 -4.87 4.14 -2.81
CA GLY A 30 -6.01 3.44 -2.27
C GLY A 30 -7.03 4.39 -1.64
N SER A 31 -7.96 3.83 -0.88
CA SER A 31 -8.99 4.63 -0.23
C SER A 31 -8.85 4.55 1.29
N GLY A 32 -8.09 3.57 1.77
CA GLY A 32 -7.88 3.41 3.19
C GLY A 32 -9.19 3.36 3.96
N LYS A 33 -10.14 2.59 3.45
CA LYS A 33 -11.44 2.45 4.10
C LYS A 33 -11.65 1.02 4.61
N ASP A 34 -11.40 0.82 5.90
CA ASP A 34 -11.57 -0.49 6.52
C ASP A 34 -10.78 -1.55 5.74
N GLY A 35 -9.70 -1.14 5.10
CA GLY A 35 -8.89 -2.06 4.34
C GLY A 35 -9.26 -2.08 2.87
N ARG A 36 -9.57 -0.92 2.32
CA ARG A 36 -9.95 -0.80 0.92
C ARG A 36 -8.77 -1.15 0.01
N ILE A 37 -7.56 -0.96 0.53
CA ILE A 37 -6.35 -1.24 -0.24
C ILE A 37 -6.16 -2.74 -0.41
N LEU A 38 -6.12 -3.19 -1.66
CA LEU A 38 -5.94 -4.61 -1.96
C LEU A 38 -4.95 -4.80 -3.11
N LYS A 39 -4.75 -6.05 -3.51
CA LYS A 39 -3.83 -6.36 -4.60
C LYS A 39 -4.18 -5.58 -5.85
N GLU A 40 -5.46 -5.23 -5.99
CA GLU A 40 -5.93 -4.48 -7.14
C GLU A 40 -5.30 -3.09 -7.18
N ASP A 41 -5.14 -2.49 -6.00
CA ASP A 41 -4.55 -1.17 -5.90
C ASP A 41 -3.03 -1.25 -5.89
N ILE A 42 -2.50 -2.33 -5.35
CA ILE A 42 -1.06 -2.54 -5.27
C ILE A 42 -0.48 -2.86 -6.66
N LEU A 43 -1.03 -3.89 -7.29
CA LEU A 43 -0.57 -4.30 -8.61
C LEU A 43 -0.62 -3.14 -9.59
N ASN A 44 -1.64 -2.30 -9.46
CA ASN A 44 -1.80 -1.14 -10.34
C ASN A 44 -0.83 -0.03 -9.94
N TYR A 45 -0.59 0.11 -8.65
CA TYR A 45 0.31 1.13 -8.13
C TYR A 45 1.75 0.83 -8.53
N LEU A 46 2.22 -0.37 -8.20
CA LEU A 46 3.59 -0.77 -8.52
C LEU A 46 3.86 -0.62 -10.01
N GLU A 47 2.80 -0.71 -10.81
CA GLU A 47 2.94 -0.57 -12.26
C GLU A 47 2.76 0.88 -12.70
N LYS A 48 2.02 1.64 -11.89
CA LYS A 48 1.78 3.05 -12.18
C LYS A 48 3.04 3.88 -12.00
N GLN A 49 3.89 3.88 -13.01
CA GLN A 49 5.14 4.63 -12.97
C GLN A 49 5.93 4.30 -11.71
N THR A 50 5.93 3.02 -11.34
CA THR A 50 6.63 2.57 -10.15
C THR A 50 7.38 1.26 -10.42
N LEU A 51 8.05 1.19 -11.57
CA LEU A 51 8.81 0.01 -11.95
C LEU A 51 10.24 0.36 -12.29
N GLU A 52 11.05 -0.65 -12.56
CA GLU A 52 12.45 -0.45 -12.91
C GLU A 52 12.65 -0.52 -14.43
N GLY A 1 7.10 13.27 15.18
CA GLY A 1 7.25 12.61 13.90
C GLY A 1 6.49 13.32 12.80
N GLU A 2 6.80 12.98 11.55
CA GLU A 2 6.14 13.59 10.41
C GLU A 2 4.99 12.71 9.91
N ILE A 3 5.30 11.45 9.61
CA ILE A 3 4.30 10.52 9.13
C ILE A 3 3.78 9.63 10.26
N LYS A 4 2.46 9.52 10.36
CA LYS A 4 1.83 8.70 11.39
C LYS A 4 1.09 7.52 10.78
N GLY A 5 1.08 6.40 11.49
CA GLY A 5 0.40 5.21 11.00
C GLY A 5 1.02 3.93 11.53
N ARG A 6 0.38 3.34 12.54
CA ARG A 6 0.87 2.10 13.13
C ARG A 6 0.32 0.89 12.38
N LYS A 7 -0.93 0.98 11.96
CA LYS A 7 -1.58 -0.11 11.23
C LYS A 7 -2.30 0.41 9.99
N THR A 8 -2.09 -0.26 8.87
CA THR A 8 -2.72 0.12 7.62
C THR A 8 -4.04 -0.60 7.41
N LEU A 9 -4.80 -0.18 6.40
CA LEU A 9 -6.08 -0.80 6.11
C LEU A 9 -5.96 -1.77 4.92
N ALA A 10 -5.54 -2.99 5.22
CA ALA A 10 -5.39 -4.01 4.19
C ALA A 10 -5.05 -5.37 4.81
N THR A 11 -5.33 -6.44 4.07
CA THR A 11 -5.06 -7.79 4.54
C THR A 11 -3.60 -7.94 4.97
N PRO A 12 -3.33 -8.97 5.79
CA PRO A 12 -1.98 -9.25 6.28
C PRO A 12 -1.05 -9.75 5.19
N ALA A 13 -1.64 -10.18 4.07
CA ALA A 13 -0.86 -10.68 2.95
C ALA A 13 -0.40 -9.55 2.04
N VAL A 14 -1.13 -8.43 2.08
CA VAL A 14 -0.80 -7.27 1.27
C VAL A 14 0.45 -6.57 1.80
N ARG A 15 0.61 -6.59 3.12
CA ARG A 15 1.75 -5.94 3.76
C ARG A 15 3.06 -6.48 3.18
N ARG A 16 3.17 -7.79 3.09
CA ARG A 16 4.37 -8.44 2.57
C ARG A 16 4.49 -8.19 1.07
N LEU A 17 3.36 -8.19 0.38
CA LEU A 17 3.34 -7.98 -1.07
C LEU A 17 3.96 -6.63 -1.43
N ALA A 18 3.55 -5.59 -0.71
CA ALA A 18 4.08 -4.25 -0.95
C ALA A 18 5.46 -4.08 -0.34
N MET A 19 5.73 -4.86 0.71
CA MET A 19 7.03 -4.80 1.39
C MET A 19 8.12 -5.39 0.53
N GLU A 20 7.82 -6.53 -0.10
CA GLU A 20 8.79 -7.20 -0.97
C GLU A 20 9.20 -6.31 -2.13
N ASN A 21 8.39 -5.29 -2.41
CA ASN A 21 8.67 -4.37 -3.50
C ASN A 21 9.18 -3.04 -2.97
N ASN A 22 9.49 -3.01 -1.67
CA ASN A 22 10.00 -1.80 -1.03
C ASN A 22 9.01 -0.65 -1.17
N ILE A 23 7.75 -0.91 -0.79
CA ILE A 23 6.72 0.10 -0.88
C ILE A 23 5.75 0.00 0.31
N LYS A 24 5.52 1.13 0.97
CA LYS A 24 4.63 1.17 2.12
C LYS A 24 3.17 1.08 1.68
N LEU A 25 2.29 0.75 2.61
CA LEU A 25 0.87 0.63 2.32
C LEU A 25 0.15 1.94 2.61
N SER A 26 0.91 3.02 2.73
CA SER A 26 0.34 4.33 3.01
C SER A 26 0.39 5.22 1.77
N GLU A 27 1.25 4.86 0.82
CA GLU A 27 1.39 5.62 -0.42
C GLU A 27 0.52 5.02 -1.53
N VAL A 28 0.22 3.73 -1.40
CA VAL A 28 -0.58 3.04 -2.39
C VAL A 28 -1.88 3.79 -2.67
N VAL A 29 -2.37 3.68 -3.89
CA VAL A 29 -3.61 4.35 -4.29
C VAL A 29 -4.81 3.73 -3.61
N GLY A 30 -5.10 4.18 -2.38
CA GLY A 30 -6.22 3.65 -1.64
C GLY A 30 -6.92 4.72 -0.82
N SER A 31 -7.86 4.30 0.03
CA SER A 31 -8.60 5.23 0.87
C SER A 31 -8.30 4.98 2.34
N GLY A 32 -7.71 3.83 2.63
CA GLY A 32 -7.38 3.50 4.01
C GLY A 32 -8.56 3.64 4.94
N LYS A 33 -9.76 3.39 4.42
CA LYS A 33 -10.98 3.49 5.21
C LYS A 33 -11.28 2.17 5.92
N ASP A 34 -11.75 1.20 5.15
CA ASP A 34 -12.08 -0.12 5.69
C ASP A 34 -11.44 -1.23 4.86
N GLY A 35 -10.14 -1.11 4.62
CA GLY A 35 -9.43 -2.11 3.84
C GLY A 35 -9.52 -1.85 2.35
N ARG A 36 -9.59 -0.57 1.98
CA ARG A 36 -9.68 -0.19 0.57
C ARG A 36 -8.43 -0.63 -0.18
N ILE A 37 -7.29 -0.57 0.49
CA ILE A 37 -6.03 -0.96 -0.13
C ILE A 37 -5.96 -2.47 -0.35
N LEU A 38 -6.41 -2.91 -1.51
CA LEU A 38 -6.40 -4.33 -1.84
C LEU A 38 -5.42 -4.62 -2.97
N LYS A 39 -5.37 -5.88 -3.40
CA LYS A 39 -4.48 -6.29 -4.48
C LYS A 39 -4.69 -5.43 -5.72
N GLU A 40 -5.93 -4.97 -5.91
CA GLU A 40 -6.26 -4.14 -7.07
C GLU A 40 -5.51 -2.81 -7.00
N ASP A 41 -5.33 -2.30 -5.79
CA ASP A 41 -4.63 -1.03 -5.59
C ASP A 41 -3.12 -1.23 -5.61
N ILE A 42 -2.67 -2.35 -5.05
CA ILE A 42 -1.25 -2.66 -5.02
C ILE A 42 -0.70 -2.91 -6.41
N LEU A 43 -1.32 -3.83 -7.13
CA LEU A 43 -0.89 -4.18 -8.48
C LEU A 43 -0.95 -2.95 -9.39
N ASN A 44 -1.92 -2.08 -9.13
CA ASN A 44 -2.10 -0.87 -9.93
C ASN A 44 -1.05 0.18 -9.55
N TYR A 45 -0.58 0.12 -8.31
CA TYR A 45 0.42 1.07 -7.83
C TYR A 45 1.82 0.65 -8.26
N LEU A 46 2.18 -0.59 -7.94
CA LEU A 46 3.50 -1.12 -8.30
C LEU A 46 3.78 -0.93 -9.78
N GLU A 47 2.72 -0.97 -10.59
CA GLU A 47 2.85 -0.80 -12.03
C GLU A 47 3.54 0.53 -12.36
N LYS A 48 3.31 1.53 -11.52
CA LYS A 48 3.91 2.84 -11.73
C LYS A 48 5.20 2.99 -10.90
N GLN A 49 5.96 1.90 -10.83
CA GLN A 49 7.21 1.91 -10.08
C GLN A 49 8.37 2.36 -10.95
N THR A 50 8.27 2.10 -12.25
CA THR A 50 9.30 2.47 -13.20
C THR A 50 9.23 3.96 -13.53
N LEU A 51 9.81 4.78 -12.66
CA LEU A 51 9.83 6.23 -12.85
C LEU A 51 11.04 6.86 -12.19
N GLU A 52 11.19 8.16 -12.36
CA GLU A 52 12.31 8.89 -11.77
C GLU A 52 11.96 9.39 -10.38
N GLY A 1 6.24 17.63 18.35
CA GLY A 1 5.61 16.37 18.68
C GLY A 1 4.64 15.93 17.61
N GLU A 2 5.04 14.92 16.83
CA GLU A 2 4.19 14.40 15.75
C GLU A 2 4.36 12.89 15.62
N ILE A 3 3.25 12.16 15.69
CA ILE A 3 3.28 10.71 15.57
C ILE A 3 2.86 10.26 14.17
N LYS A 4 3.33 9.09 13.77
CA LYS A 4 3.00 8.55 12.45
C LYS A 4 2.25 7.23 12.59
N GLY A 5 1.65 6.79 11.48
CA GLY A 5 0.91 5.54 11.49
C GLY A 5 1.33 4.61 10.37
N ARG A 6 2.02 3.53 10.72
CA ARG A 6 2.47 2.56 9.72
C ARG A 6 1.33 1.65 9.28
N LYS A 7 0.42 1.36 10.21
CA LYS A 7 -0.72 0.51 9.91
C LYS A 7 -1.50 1.04 8.71
N THR A 8 -2.06 0.13 7.92
CA THR A 8 -2.83 0.50 6.74
C THR A 8 -4.13 -0.29 6.66
N LEU A 9 -5.03 0.15 5.80
CA LEU A 9 -6.32 -0.51 5.62
C LEU A 9 -6.22 -1.62 4.58
N ALA A 10 -5.76 -2.79 5.01
CA ALA A 10 -5.62 -3.93 4.11
C ALA A 10 -5.21 -5.19 4.86
N THR A 11 -5.45 -6.34 4.26
CA THR A 11 -5.10 -7.62 4.88
C THR A 11 -3.64 -7.65 5.30
N PRO A 12 -3.31 -8.56 6.23
CA PRO A 12 -1.95 -8.71 6.74
C PRO A 12 -1.00 -9.30 5.69
N ALA A 13 -1.58 -9.86 4.63
CA ALA A 13 -0.79 -10.45 3.56
C ALA A 13 -0.34 -9.40 2.56
N VAL A 14 -1.13 -8.33 2.44
CA VAL A 14 -0.81 -7.25 1.52
C VAL A 14 0.37 -6.41 2.02
N ARG A 15 0.44 -6.24 3.34
CA ARG A 15 1.52 -5.47 3.94
C ARG A 15 2.88 -6.02 3.54
N ARG A 16 3.02 -7.34 3.62
CA ARG A 16 4.27 -8.01 3.27
C ARG A 16 4.49 -7.99 1.76
N LEU A 17 3.41 -8.21 1.01
CA LEU A 17 3.47 -8.23 -0.45
C LEU A 17 4.06 -6.93 -0.98
N ALA A 18 3.39 -5.82 -0.69
CA ALA A 18 3.84 -4.50 -1.14
C ALA A 18 5.29 -4.26 -0.72
N MET A 19 5.67 -4.80 0.43
CA MET A 19 7.03 -4.63 0.94
C MET A 19 8.04 -5.35 0.04
N GLU A 20 7.60 -6.45 -0.56
CA GLU A 20 8.47 -7.23 -1.44
C GLU A 20 9.08 -6.33 -2.52
N ASN A 21 8.28 -5.41 -3.04
CA ASN A 21 8.75 -4.50 -4.08
C ASN A 21 9.01 -3.11 -3.51
N ASN A 22 9.23 -3.04 -2.21
CA ASN A 22 9.48 -1.77 -1.53
C ASN A 22 8.41 -0.75 -1.88
N ILE A 23 7.15 -1.09 -1.58
CA ILE A 23 6.03 -0.20 -1.87
C ILE A 23 5.58 0.53 -0.60
N LYS A 24 5.33 1.82 -0.73
CA LYS A 24 4.89 2.64 0.39
C LYS A 24 3.38 2.53 0.59
N LEU A 25 2.96 2.03 1.75
CA LEU A 25 1.54 1.88 2.05
C LEU A 25 0.79 3.18 1.80
N SER A 26 1.44 4.31 2.10
CA SER A 26 0.83 5.62 1.90
C SER A 26 1.16 6.18 0.53
N GLU A 27 1.05 5.33 -0.50
CA GLU A 27 1.34 5.74 -1.86
C GLU A 27 0.46 4.98 -2.85
N VAL A 28 0.27 3.69 -2.60
CA VAL A 28 -0.56 2.85 -3.47
C VAL A 28 -1.91 3.50 -3.73
N VAL A 29 -2.47 3.24 -4.90
CA VAL A 29 -3.77 3.79 -5.28
C VAL A 29 -4.89 3.17 -4.45
N GLY A 30 -5.20 3.82 -3.33
CA GLY A 30 -6.26 3.32 -2.45
C GLY A 30 -6.97 4.43 -1.71
N SER A 31 -7.99 4.07 -0.94
CA SER A 31 -8.77 5.05 -0.19
C SER A 31 -8.48 4.92 1.31
N GLY A 32 -7.90 3.79 1.70
CA GLY A 32 -7.58 3.57 3.09
C GLY A 32 -8.77 3.80 4.00
N LYS A 33 -9.97 3.59 3.47
CA LYS A 33 -11.20 3.77 4.24
C LYS A 33 -11.50 2.54 5.09
N ASP A 34 -11.94 1.47 4.45
CA ASP A 34 -12.27 0.23 5.15
C ASP A 34 -11.80 -0.98 4.35
N GLY A 35 -10.49 -1.08 4.14
CA GLY A 35 -9.95 -2.19 3.39
C GLY A 35 -10.00 -1.97 1.89
N ARG A 36 -9.92 -0.70 1.48
CA ARG A 36 -9.97 -0.36 0.07
C ARG A 36 -8.71 -0.83 -0.65
N ILE A 37 -7.58 -0.78 0.04
CA ILE A 37 -6.30 -1.21 -0.52
C ILE A 37 -6.22 -2.74 -0.60
N LEU A 38 -6.56 -3.29 -1.76
CA LEU A 38 -6.52 -4.73 -1.95
C LEU A 38 -5.58 -5.10 -3.11
N LYS A 39 -5.52 -6.38 -3.42
CA LYS A 39 -4.66 -6.86 -4.49
C LYS A 39 -4.96 -6.13 -5.79
N GLU A 40 -6.22 -5.74 -5.97
CA GLU A 40 -6.63 -5.02 -7.17
C GLU A 40 -5.91 -3.69 -7.28
N ASP A 41 -5.63 -3.07 -6.14
CA ASP A 41 -4.94 -1.79 -6.10
C ASP A 41 -3.43 -1.98 -6.13
N ILE A 42 -2.95 -2.98 -5.41
CA ILE A 42 -1.53 -3.28 -5.33
C ILE A 42 -1.00 -3.75 -6.68
N LEU A 43 -1.63 -4.79 -7.23
CA LEU A 43 -1.24 -5.33 -8.52
C LEU A 43 -1.24 -4.26 -9.59
N ASN A 44 -2.24 -3.38 -9.54
CA ASN A 44 -2.36 -2.30 -10.52
C ASN A 44 -1.35 -1.19 -10.23
N TYR A 45 -0.98 -1.06 -8.97
CA TYR A 45 -0.02 -0.04 -8.56
C TYR A 45 1.39 -0.42 -8.98
N LEU A 46 1.82 -1.61 -8.59
CA LEU A 46 3.16 -2.09 -8.92
C LEU A 46 3.40 -2.00 -10.43
N GLU A 47 2.34 -2.17 -11.20
CA GLU A 47 2.44 -2.10 -12.66
C GLU A 47 2.85 -0.70 -13.12
N LYS A 48 2.17 0.32 -12.60
CA LYS A 48 2.46 1.70 -12.95
C LYS A 48 3.82 2.12 -12.41
N GLN A 49 4.75 2.42 -13.32
CA GLN A 49 6.09 2.83 -12.93
C GLN A 49 6.10 4.28 -12.45
N THR A 50 6.46 4.48 -11.19
CA THR A 50 6.51 5.82 -10.61
C THR A 50 7.29 5.82 -9.29
N LEU A 51 8.31 6.65 -9.23
CA LEU A 51 9.13 6.76 -8.02
C LEU A 51 8.98 8.13 -7.38
N GLU A 52 9.37 9.17 -8.11
CA GLU A 52 9.27 10.54 -7.59
C GLU A 52 7.92 11.15 -7.94
N GLY A 1 8.58 17.40 12.39
CA GLY A 1 8.33 17.73 11.00
C GLY A 1 6.99 17.21 10.51
N GLU A 2 6.68 15.97 10.84
CA GLU A 2 5.42 15.36 10.43
C GLU A 2 5.16 14.07 11.20
N ILE A 3 4.09 14.06 11.99
CA ILE A 3 3.73 12.89 12.78
C ILE A 3 2.63 12.08 12.10
N LYS A 4 3.02 11.13 11.26
CA LYS A 4 2.06 10.29 10.56
C LYS A 4 1.10 9.61 11.53
N GLY A 5 -0.13 9.38 11.08
CA GLY A 5 -1.11 8.75 11.93
C GLY A 5 -1.98 7.75 11.18
N ARG A 6 -1.47 7.29 10.04
CA ARG A 6 -2.20 6.33 9.21
C ARG A 6 -2.12 4.93 9.80
N LYS A 7 -3.05 4.07 9.40
CA LYS A 7 -3.09 2.69 9.89
C LYS A 7 -3.16 1.70 8.73
N THR A 8 -2.32 0.67 8.79
CA THR A 8 -2.29 -0.35 7.74
C THR A 8 -3.52 -1.25 7.82
N LEU A 9 -4.36 -1.20 6.79
CA LEU A 9 -5.56 -2.01 6.74
C LEU A 9 -5.60 -2.86 5.48
N ALA A 10 -5.35 -4.15 5.63
CA ALA A 10 -5.36 -5.07 4.48
C ALA A 10 -5.19 -6.51 4.94
N THR A 11 -5.69 -7.44 4.13
CA THR A 11 -5.61 -8.86 4.46
C THR A 11 -4.16 -9.27 4.74
N PRO A 12 -4.00 -10.41 5.44
CA PRO A 12 -2.67 -10.93 5.78
C PRO A 12 -1.91 -11.45 4.57
N ALA A 13 -2.64 -11.65 3.46
CA ALA A 13 -2.05 -12.15 2.23
C ALA A 13 -1.41 -11.02 1.44
N VAL A 14 -1.88 -9.80 1.67
CA VAL A 14 -1.36 -8.62 0.97
C VAL A 14 -0.07 -8.13 1.61
N ARG A 15 0.05 -8.33 2.92
CA ARG A 15 1.23 -7.90 3.66
C ARG A 15 2.49 -8.51 3.05
N ARG A 16 2.53 -9.84 2.97
CA ARG A 16 3.68 -10.54 2.42
C ARG A 16 3.95 -10.09 0.99
N LEU A 17 2.88 -9.82 0.25
CA LEU A 17 3.00 -9.38 -1.14
C LEU A 17 3.89 -8.15 -1.25
N ALA A 18 3.48 -7.07 -0.60
CA ALA A 18 4.25 -5.83 -0.61
C ALA A 18 5.69 -6.07 -0.16
N MET A 19 5.88 -7.10 0.65
CA MET A 19 7.21 -7.43 1.16
C MET A 19 8.12 -7.88 0.03
N GLU A 20 7.55 -8.58 -0.94
CA GLU A 20 8.33 -9.07 -2.08
C GLU A 20 8.90 -7.91 -2.89
N ASN A 21 8.28 -6.74 -2.75
CA ASN A 21 8.73 -5.56 -3.47
C ASN A 21 9.32 -4.52 -2.50
N ASN A 22 9.41 -4.91 -1.23
CA ASN A 22 9.95 -4.01 -0.21
C ASN A 22 9.18 -2.70 -0.17
N ILE A 23 7.88 -2.79 0.10
CA ILE A 23 7.04 -1.61 0.18
C ILE A 23 6.03 -1.72 1.31
N LYS A 24 5.92 -0.67 2.11
CA LYS A 24 4.99 -0.65 3.24
C LYS A 24 3.54 -0.59 2.75
N LEU A 25 2.61 -0.96 3.62
CA LEU A 25 1.19 -0.94 3.28
C LEU A 25 0.54 0.35 3.73
N SER A 26 1.36 1.39 3.90
CA SER A 26 0.86 2.69 4.33
C SER A 26 1.05 3.74 3.24
N GLU A 27 2.01 3.49 2.35
CA GLU A 27 2.30 4.41 1.26
C GLU A 27 1.44 4.09 0.04
N VAL A 28 1.06 2.82 -0.10
CA VAL A 28 0.22 2.39 -1.22
C VAL A 28 -1.01 3.27 -1.36
N VAL A 29 -1.47 3.45 -2.59
CA VAL A 29 -2.64 4.26 -2.86
C VAL A 29 -3.91 3.59 -2.36
N GLY A 30 -4.21 3.80 -1.08
CA GLY A 30 -5.40 3.20 -0.49
C GLY A 30 -6.04 4.09 0.55
N SER A 31 -7.08 3.59 1.21
CA SER A 31 -7.78 4.35 2.23
C SER A 31 -7.61 3.70 3.61
N GLY A 32 -7.17 2.44 3.61
CA GLY A 32 -6.98 1.73 4.87
C GLY A 32 -8.25 1.64 5.69
N LYS A 33 -9.39 1.81 5.02
CA LYS A 33 -10.68 1.74 5.69
C LYS A 33 -11.28 0.34 5.58
N ASP A 34 -11.26 -0.40 6.69
CA ASP A 34 -11.80 -1.75 6.72
C ASP A 34 -11.09 -2.63 5.70
N GLY A 35 -9.82 -2.37 5.48
CA GLY A 35 -9.04 -3.16 4.54
C GLY A 35 -9.22 -2.68 3.10
N ARG A 36 -9.19 -1.37 2.92
CA ARG A 36 -9.35 -0.79 1.58
C ARG A 36 -8.15 -1.11 0.70
N ILE A 37 -6.97 -1.21 1.33
CA ILE A 37 -5.75 -1.51 0.59
C ILE A 37 -5.73 -2.96 0.13
N LEU A 38 -6.27 -3.21 -1.05
CA LEU A 38 -6.31 -4.56 -1.61
C LEU A 38 -5.35 -4.69 -2.78
N LYS A 39 -5.35 -5.86 -3.41
CA LYS A 39 -4.47 -6.11 -4.54
C LYS A 39 -4.65 -5.05 -5.62
N GLU A 40 -5.84 -4.46 -5.68
CA GLU A 40 -6.12 -3.42 -6.66
C GLU A 40 -5.27 -2.17 -6.41
N ASP A 41 -4.96 -1.93 -5.14
CA ASP A 41 -4.15 -0.78 -4.77
C ASP A 41 -2.66 -1.09 -4.90
N ILE A 42 -2.28 -2.29 -4.47
CA ILE A 42 -0.88 -2.71 -4.54
C ILE A 42 -0.41 -2.82 -5.99
N LEU A 43 -1.14 -3.60 -6.78
CA LEU A 43 -0.80 -3.79 -8.19
C LEU A 43 -0.70 -2.46 -8.91
N ASN A 44 -1.56 -1.51 -8.53
CA ASN A 44 -1.56 -0.19 -9.14
C ASN A 44 -0.38 0.64 -8.65
N TYR A 45 0.02 0.41 -7.40
CA TYR A 45 1.15 1.14 -6.82
C TYR A 45 2.46 0.68 -7.42
N LEU A 46 2.71 -0.62 -7.40
CA LEU A 46 3.93 -1.18 -7.95
C LEU A 46 4.07 -0.84 -9.43
N GLU A 47 2.94 -0.53 -10.07
CA GLU A 47 2.95 -0.19 -11.49
C GLU A 47 3.19 1.29 -11.69
N LYS A 48 3.49 1.99 -10.60
CA LYS A 48 3.74 3.43 -10.65
C LYS A 48 4.79 3.75 -11.72
N GLN A 49 4.82 5.01 -12.14
CA GLN A 49 5.77 5.46 -13.15
C GLN A 49 7.03 6.03 -12.51
N THR A 50 8.13 6.01 -13.25
CA THR A 50 9.40 6.53 -12.75
C THR A 50 9.55 8.01 -13.06
N LEU A 51 9.58 8.34 -14.35
CA LEU A 51 9.72 9.72 -14.78
C LEU A 51 8.48 10.53 -14.42
N GLU A 52 8.65 11.85 -14.30
CA GLU A 52 7.54 12.73 -13.95
C GLU A 52 6.40 12.58 -14.95
N GLY A 1 -0.37 15.23 14.10
CA GLY A 1 0.80 15.78 13.46
C GLY A 1 2.08 15.08 13.88
N GLU A 2 2.16 14.70 15.15
CA GLU A 2 3.34 14.03 15.68
C GLU A 2 3.12 12.51 15.72
N ILE A 3 2.00 12.10 16.30
CA ILE A 3 1.67 10.69 16.41
C ILE A 3 1.61 10.03 15.03
N LYS A 4 2.09 8.79 14.94
CA LYS A 4 2.09 8.06 13.69
C LYS A 4 0.75 7.37 13.47
N GLY A 5 -0.18 8.07 12.83
CA GLY A 5 -1.50 7.51 12.56
C GLY A 5 -1.59 6.91 11.17
N ARG A 6 -0.46 6.47 10.62
CA ARG A 6 -0.44 5.88 9.30
C ARG A 6 -0.19 4.38 9.38
N LYS A 7 -1.25 3.60 9.17
CA LYS A 7 -1.15 2.14 9.22
C LYS A 7 -1.91 1.51 8.05
N THR A 8 -1.19 0.80 7.20
CA THR A 8 -1.78 0.15 6.04
C THR A 8 -2.96 -0.72 6.45
N LEU A 9 -4.03 -0.67 5.66
CA LEU A 9 -5.23 -1.46 5.94
C LEU A 9 -5.49 -2.47 4.84
N ALA A 10 -5.18 -3.73 5.10
CA ALA A 10 -5.39 -4.79 4.13
C ALA A 10 -5.00 -6.15 4.69
N THR A 11 -5.25 -7.21 3.92
CA THR A 11 -4.92 -8.56 4.35
C THR A 11 -3.44 -8.67 4.75
N PRO A 12 -3.12 -9.70 5.54
CA PRO A 12 -1.75 -9.94 6.01
C PRO A 12 -0.82 -10.38 4.87
N ALA A 13 -1.41 -10.75 3.75
CA ALA A 13 -0.64 -11.18 2.59
C ALA A 13 -0.15 -10.00 1.77
N VAL A 14 -0.97 -8.96 1.71
CA VAL A 14 -0.63 -7.76 0.95
C VAL A 14 0.47 -6.96 1.66
N ARG A 15 0.48 -7.03 2.98
CA ARG A 15 1.48 -6.32 3.78
C ARG A 15 2.89 -6.75 3.40
N ARG A 16 3.15 -8.05 3.53
CA ARG A 16 4.47 -8.59 3.20
C ARG A 16 4.70 -8.57 1.70
N LEU A 17 3.65 -8.84 0.93
CA LEU A 17 3.74 -8.86 -0.52
C LEU A 17 4.35 -7.56 -1.04
N ALA A 18 3.66 -6.45 -0.80
CA ALA A 18 4.13 -5.14 -1.24
C ALA A 18 5.55 -4.87 -0.73
N MET A 19 5.80 -5.24 0.52
CA MET A 19 7.11 -5.03 1.12
C MET A 19 8.21 -5.62 0.25
N GLU A 20 7.88 -6.71 -0.46
CA GLU A 20 8.85 -7.37 -1.33
C GLU A 20 9.24 -6.45 -2.49
N ASN A 21 8.29 -5.65 -2.95
CA ASN A 21 8.53 -4.74 -4.06
C ASN A 21 8.89 -3.34 -3.55
N ASN A 22 9.41 -3.28 -2.32
CA ASN A 22 9.80 -2.02 -1.71
C ASN A 22 8.66 -1.01 -1.78
N ILE A 23 7.47 -1.44 -1.37
CA ILE A 23 6.30 -0.56 -1.38
C ILE A 23 5.97 -0.08 0.02
N LYS A 24 5.91 1.25 0.18
CA LYS A 24 5.61 1.85 1.48
C LYS A 24 4.17 1.57 1.87
N LEU A 25 3.38 1.07 0.92
CA LEU A 25 1.97 0.76 1.17
C LEU A 25 1.21 2.01 1.58
N SER A 26 1.78 3.18 1.31
CA SER A 26 1.15 4.45 1.65
C SER A 26 0.92 5.29 0.41
N GLU A 27 1.53 4.88 -0.71
CA GLU A 27 1.40 5.61 -1.96
C GLU A 27 0.25 5.04 -2.79
N VAL A 28 -0.01 3.74 -2.64
CA VAL A 28 -1.07 3.08 -3.37
C VAL A 28 -2.40 3.84 -3.23
N VAL A 29 -3.23 3.77 -4.27
CA VAL A 29 -4.51 4.45 -4.27
C VAL A 29 -5.48 3.80 -3.28
N GLY A 30 -5.38 4.20 -2.02
CA GLY A 30 -6.25 3.64 -1.00
C GLY A 30 -6.63 4.65 0.06
N SER A 31 -7.51 4.26 0.98
CA SER A 31 -7.96 5.14 2.04
C SER A 31 -7.51 4.63 3.40
N GLY A 32 -7.11 3.36 3.44
CA GLY A 32 -6.66 2.76 4.69
C GLY A 32 -7.69 2.90 5.80
N LYS A 33 -8.90 2.40 5.55
CA LYS A 33 -9.97 2.47 6.53
C LYS A 33 -10.44 1.07 6.92
N ASP A 34 -11.02 0.36 5.95
CA ASP A 34 -11.51 -0.99 6.19
C ASP A 34 -11.04 -1.95 5.10
N GLY A 35 -9.75 -1.87 4.79
CA GLY A 35 -9.19 -2.74 3.76
C GLY A 35 -9.36 -2.17 2.37
N ARG A 36 -9.30 -0.84 2.26
CA ARG A 36 -9.45 -0.17 0.98
C ARG A 36 -8.35 -0.59 0.01
N ILE A 37 -7.14 -0.73 0.53
CA ILE A 37 -6.00 -1.14 -0.28
C ILE A 37 -6.08 -2.62 -0.66
N LEU A 38 -6.75 -2.90 -1.77
CA LEU A 38 -6.90 -4.27 -2.24
C LEU A 38 -5.88 -4.59 -3.34
N LYS A 39 -5.85 -5.85 -3.76
CA LYS A 39 -4.93 -6.29 -4.81
C LYS A 39 -5.07 -5.42 -6.05
N GLU A 40 -6.28 -4.92 -6.28
CA GLU A 40 -6.55 -4.08 -7.44
C GLU A 40 -5.73 -2.79 -7.38
N ASP A 41 -5.53 -2.28 -6.18
CA ASP A 41 -4.75 -1.06 -5.99
C ASP A 41 -3.25 -1.35 -6.04
N ILE A 42 -2.85 -2.46 -5.42
CA ILE A 42 -1.44 -2.85 -5.40
C ILE A 42 -0.96 -3.23 -6.79
N LEU A 43 -1.65 -4.17 -7.42
CA LEU A 43 -1.29 -4.62 -8.76
C LEU A 43 -1.21 -3.45 -9.72
N ASN A 44 -2.10 -2.48 -9.55
CA ASN A 44 -2.13 -1.30 -10.41
C ASN A 44 -1.01 -0.33 -10.04
N TYR A 45 -0.62 -0.36 -8.77
CA TYR A 45 0.43 0.52 -8.28
C TYR A 45 1.80 0.04 -8.74
N LEU A 46 2.11 -1.22 -8.44
CA LEU A 46 3.39 -1.81 -8.83
C LEU A 46 3.66 -1.60 -10.31
N GLU A 47 2.60 -1.53 -11.10
CA GLU A 47 2.72 -1.34 -12.54
C GLU A 47 3.16 0.09 -12.86
N LYS A 48 2.60 1.05 -12.13
CA LYS A 48 2.93 2.45 -12.33
C LYS A 48 4.45 2.67 -12.25
N GLN A 49 5.04 3.11 -13.36
CA GLN A 49 6.48 3.36 -13.41
C GLN A 49 6.83 4.65 -12.69
N THR A 50 7.61 4.53 -11.62
CA THR A 50 8.01 5.68 -10.83
C THR A 50 9.44 5.51 -10.31
N LEU A 51 10.17 6.62 -10.23
CA LEU A 51 11.54 6.60 -9.74
C LEU A 51 12.37 5.56 -10.50
N GLU A 52 12.39 5.69 -11.82
CA GLU A 52 13.14 4.76 -12.66
C GLU A 52 14.35 5.45 -13.28
N GLY A 1 4.27 13.02 9.67
CA GLY A 1 4.34 11.96 10.66
C GLY A 1 5.51 11.03 10.43
N GLU A 2 6.11 10.56 11.51
CA GLU A 2 7.25 9.65 11.42
C GLU A 2 6.91 8.29 12.02
N ILE A 3 6.34 8.30 13.23
CA ILE A 3 5.97 7.06 13.90
C ILE A 3 4.58 6.60 13.48
N LYS A 4 4.53 5.55 12.69
CA LYS A 4 3.26 5.01 12.21
C LYS A 4 2.98 3.65 12.85
N GLY A 5 1.70 3.27 12.89
CA GLY A 5 1.33 2.00 13.47
C GLY A 5 0.37 1.22 12.59
N ARG A 6 -0.93 1.41 12.81
CA ARG A 6 -1.94 0.72 12.03
C ARG A 6 -2.63 1.68 11.06
N LYS A 7 -1.87 2.64 10.55
CA LYS A 7 -2.40 3.62 9.61
C LYS A 7 -2.97 2.93 8.37
N THR A 8 -2.16 2.08 7.75
CA THR A 8 -2.58 1.37 6.55
C THR A 8 -3.82 0.52 6.83
N LEU A 9 -4.65 0.34 5.82
CA LEU A 9 -5.88 -0.46 5.96
C LEU A 9 -5.92 -1.57 4.92
N ALA A 10 -5.54 -2.77 5.33
CA ALA A 10 -5.54 -3.93 4.45
C ALA A 10 -5.13 -5.20 5.18
N THR A 11 -5.47 -6.35 4.61
CA THR A 11 -5.12 -7.62 5.21
C THR A 11 -3.63 -7.72 5.49
N PRO A 12 -3.25 -8.64 6.40
CA PRO A 12 -1.85 -8.85 6.76
C PRO A 12 -1.05 -9.50 5.64
N ALA A 13 -1.75 -10.03 4.65
CA ALA A 13 -1.10 -10.67 3.51
C ALA A 13 -0.70 -9.65 2.45
N VAL A 14 -1.43 -8.54 2.41
CA VAL A 14 -1.16 -7.48 1.45
C VAL A 14 -0.04 -6.58 1.93
N ARG A 15 -0.02 -6.31 3.22
CA ARG A 15 1.01 -5.44 3.81
C ARG A 15 2.40 -5.97 3.49
N ARG A 16 2.61 -7.26 3.70
CA ARG A 16 3.90 -7.89 3.43
C ARG A 16 4.23 -7.84 1.94
N LEU A 17 3.19 -7.83 1.11
CA LEU A 17 3.37 -7.79 -0.34
C LEU A 17 4.28 -6.64 -0.73
N ALA A 18 3.86 -5.42 -0.42
CA ALA A 18 4.65 -4.23 -0.75
C ALA A 18 6.02 -4.29 -0.09
N MET A 19 6.10 -4.97 1.05
CA MET A 19 7.36 -5.10 1.78
C MET A 19 8.43 -5.76 0.92
N GLU A 20 8.00 -6.74 0.11
CA GLU A 20 8.92 -7.45 -0.76
C GLU A 20 9.50 -6.52 -1.83
N ASN A 21 8.76 -5.46 -2.15
CA ASN A 21 9.20 -4.50 -3.15
C ASN A 21 9.67 -3.21 -2.49
N ASN A 22 9.65 -3.19 -1.15
CA ASN A 22 10.08 -2.02 -0.40
C ASN A 22 9.35 -0.78 -0.87
N ILE A 23 8.02 -0.82 -0.81
CA ILE A 23 7.20 0.31 -1.22
C ILE A 23 6.18 0.68 -0.14
N LYS A 24 6.01 1.98 0.08
CA LYS A 24 5.08 2.47 1.08
C LYS A 24 3.66 2.03 0.76
N LEU A 25 2.87 1.77 1.80
CA LEU A 25 1.48 1.34 1.62
C LEU A 25 0.55 2.55 1.49
N SER A 26 0.95 3.66 2.09
CA SER A 26 0.15 4.88 2.05
C SER A 26 0.23 5.53 0.67
N GLU A 27 1.42 5.54 0.09
CA GLU A 27 1.63 6.12 -1.23
C GLU A 27 0.79 5.40 -2.28
N VAL A 28 0.38 4.18 -1.97
CA VAL A 28 -0.43 3.38 -2.88
C VAL A 28 -1.79 4.01 -3.11
N VAL A 29 -2.41 3.69 -4.23
CA VAL A 29 -3.73 4.22 -4.56
C VAL A 29 -4.80 3.66 -3.64
N GLY A 30 -5.04 4.34 -2.54
CA GLY A 30 -6.04 3.89 -1.59
C GLY A 30 -6.53 5.00 -0.68
N SER A 31 -7.50 4.68 0.18
CA SER A 31 -8.06 5.67 1.10
C SER A 31 -7.75 5.30 2.54
N GLY A 32 -7.35 4.05 2.76
CA GLY A 32 -7.03 3.59 4.09
C GLY A 32 -8.13 3.91 5.09
N LYS A 33 -9.34 3.44 4.81
CA LYS A 33 -10.48 3.67 5.69
C LYS A 33 -11.17 2.36 6.05
N ASP A 34 -11.43 1.54 5.03
CA ASP A 34 -12.09 0.26 5.24
C ASP A 34 -11.50 -0.82 4.33
N GLY A 35 -10.17 -0.95 4.39
CA GLY A 35 -9.50 -1.95 3.57
C GLY A 35 -9.50 -1.58 2.10
N ARG A 36 -9.49 -0.27 1.82
CA ARG A 36 -9.49 0.21 0.44
C ARG A 36 -8.28 -0.32 -0.32
N ILE A 37 -7.12 -0.29 0.33
CA ILE A 37 -5.88 -0.77 -0.29
C ILE A 37 -5.92 -2.28 -0.50
N LEU A 38 -6.44 -2.70 -1.64
CA LEU A 38 -6.53 -4.12 -1.96
C LEU A 38 -5.42 -4.54 -2.91
N LYS A 39 -5.36 -5.83 -3.21
CA LYS A 39 -4.34 -6.36 -4.12
C LYS A 39 -4.35 -5.62 -5.45
N GLU A 40 -5.55 -5.36 -5.97
CA GLU A 40 -5.70 -4.65 -7.24
C GLU A 40 -5.01 -3.30 -7.18
N ASP A 41 -4.93 -2.73 -5.99
CA ASP A 41 -4.30 -1.42 -5.80
C ASP A 41 -2.78 -1.55 -5.77
N ILE A 42 -2.30 -2.54 -5.02
CA ILE A 42 -0.86 -2.77 -4.91
C ILE A 42 -0.28 -3.24 -6.23
N LEU A 43 -0.84 -4.32 -6.77
CA LEU A 43 -0.38 -4.88 -8.04
C LEU A 43 -0.38 -3.82 -9.13
N ASN A 44 -1.39 -2.96 -9.11
CA ASN A 44 -1.50 -1.89 -10.10
C ASN A 44 -0.53 -0.75 -9.80
N TYR A 45 -0.21 -0.59 -8.52
CA TYR A 45 0.71 0.46 -8.10
C TYR A 45 2.15 0.08 -8.44
N LEU A 46 2.58 -1.08 -7.97
CA LEU A 46 3.94 -1.56 -8.22
C LEU A 46 4.28 -1.47 -9.71
N GLU A 47 3.27 -1.66 -10.56
CA GLU A 47 3.46 -1.60 -12.00
C GLU A 47 3.45 -0.15 -12.50
N LYS A 48 2.42 0.59 -12.10
CA LYS A 48 2.30 1.99 -12.50
C LYS A 48 3.23 2.88 -11.68
N GLN A 49 4.23 3.44 -12.35
CA GLN A 49 5.19 4.31 -11.68
C GLN A 49 4.79 5.78 -11.81
N THR A 50 4.50 6.41 -10.67
CA THR A 50 4.10 7.80 -10.66
C THR A 50 5.31 8.73 -10.76
N LEU A 51 5.42 9.43 -11.88
CA LEU A 51 6.53 10.36 -12.10
C LEU A 51 6.29 11.21 -13.33
N GLU A 52 6.44 12.52 -13.17
CA GLU A 52 6.23 13.45 -14.28
C GLU A 52 7.15 13.09 -15.46
N GLY A 1 10.96 7.78 25.84
CA GLY A 1 10.27 7.89 24.56
C GLY A 1 9.44 6.66 24.24
N GLU A 2 8.51 6.81 23.30
CA GLU A 2 7.65 5.70 22.91
C GLU A 2 7.21 5.86 21.46
N ILE A 3 7.26 4.76 20.71
CA ILE A 3 6.86 4.76 19.31
C ILE A 3 5.37 5.00 19.17
N LYS A 4 4.95 5.41 17.97
CA LYS A 4 3.54 5.68 17.70
C LYS A 4 2.95 4.58 16.81
N GLY A 5 1.63 4.42 16.88
CA GLY A 5 0.96 3.42 16.08
C GLY A 5 0.31 4.00 14.84
N ARG A 6 0.84 3.66 13.66
CA ARG A 6 0.30 4.16 12.41
C ARG A 6 0.16 3.03 11.38
N LYS A 7 -0.90 3.08 10.59
CA LYS A 7 -1.14 2.07 9.58
C LYS A 7 -2.09 2.59 8.51
N THR A 8 -1.98 2.03 7.30
CA THR A 8 -2.83 2.45 6.19
C THR A 8 -4.05 1.53 6.07
N LEU A 9 -5.00 1.93 5.24
CA LEU A 9 -6.22 1.16 5.02
C LEU A 9 -5.95 -0.05 4.14
N ALA A 10 -5.45 -1.13 4.74
CA ALA A 10 -5.14 -2.35 4.01
C ALA A 10 -4.73 -3.47 4.95
N THR A 11 -4.93 -4.72 4.50
CA THR A 11 -4.59 -5.87 5.32
C THR A 11 -3.14 -5.81 5.77
N PRO A 12 -2.81 -6.58 6.83
CA PRO A 12 -1.46 -6.64 7.38
C PRO A 12 -0.48 -7.34 6.45
N ALA A 13 -1.02 -8.04 5.46
CA ALA A 13 -0.18 -8.75 4.50
C ALA A 13 0.27 -7.84 3.37
N VAL A 14 -0.53 -6.82 3.09
CA VAL A 14 -0.21 -5.87 2.03
C VAL A 14 0.91 -4.94 2.45
N ARG A 15 0.99 -4.66 3.74
CA ARG A 15 2.01 -3.78 4.28
C ARG A 15 3.41 -4.27 3.88
N ARG A 16 3.73 -5.50 4.26
CA ARG A 16 5.03 -6.09 3.94
C ARG A 16 5.17 -6.31 2.43
N LEU A 17 4.07 -6.67 1.79
CA LEU A 17 4.06 -6.92 0.35
C LEU A 17 4.66 -5.74 -0.40
N ALA A 18 4.05 -4.58 -0.25
CA ALA A 18 4.51 -3.36 -0.91
C ALA A 18 5.99 -3.11 -0.61
N MET A 19 6.45 -3.60 0.53
CA MET A 19 7.85 -3.43 0.93
C MET A 19 8.78 -4.18 -0.02
N GLU A 20 8.38 -5.40 -0.38
CA GLU A 20 9.19 -6.22 -1.28
C GLU A 20 9.41 -5.51 -2.62
N ASN A 21 8.49 -4.61 -2.95
CA ASN A 21 8.59 -3.85 -4.21
C ASN A 21 8.90 -2.39 -3.93
N ASN A 22 9.22 -2.08 -2.68
CA ASN A 22 9.53 -0.70 -2.29
C ASN A 22 8.41 0.25 -2.69
N ILE A 23 7.28 0.13 -2.01
CA ILE A 23 6.14 0.99 -2.29
C ILE A 23 5.33 1.25 -1.02
N LYS A 24 4.87 2.50 -0.86
CA LYS A 24 4.08 2.88 0.30
C LYS A 24 2.58 2.76 0.01
N LEU A 25 1.81 2.50 1.06
CA LEU A 25 0.36 2.36 0.92
C LEU A 25 -0.29 3.70 0.61
N SER A 26 0.49 4.78 0.73
CA SER A 26 -0.02 6.12 0.47
C SER A 26 0.25 6.52 -0.98
N GLU A 27 0.57 5.54 -1.81
CA GLU A 27 0.85 5.79 -3.22
C GLU A 27 0.01 4.88 -4.11
N VAL A 28 -0.18 3.63 -3.67
CA VAL A 28 -0.96 2.67 -4.43
C VAL A 28 -2.32 3.23 -4.79
N VAL A 29 -2.86 2.80 -5.93
CA VAL A 29 -4.16 3.26 -6.40
C VAL A 29 -5.28 2.74 -5.50
N GLY A 30 -5.75 3.59 -4.60
CA GLY A 30 -6.81 3.19 -3.69
C GLY A 30 -7.62 4.38 -3.19
N SER A 31 -8.49 4.13 -2.21
CA SER A 31 -9.32 5.19 -1.65
C SER A 31 -8.98 5.41 -0.17
N GLY A 32 -8.26 4.46 0.41
CA GLY A 32 -7.87 4.57 1.81
C GLY A 32 -9.06 4.86 2.71
N LYS A 33 -10.24 4.43 2.30
CA LYS A 33 -11.46 4.65 3.08
C LYS A 33 -11.63 3.56 4.12
N ASP A 34 -12.04 2.37 3.68
CA ASP A 34 -12.24 1.25 4.58
C ASP A 34 -11.45 0.02 4.11
N GLY A 35 -10.18 0.24 3.78
CA GLY A 35 -9.33 -0.84 3.33
C GLY A 35 -9.48 -1.10 1.85
N ARG A 36 -9.68 -0.04 1.07
CA ARG A 36 -9.83 -0.16 -0.37
C ARG A 36 -8.53 -0.65 -1.02
N ILE A 37 -7.40 -0.32 -0.40
CA ILE A 37 -6.11 -0.72 -0.92
C ILE A 37 -5.86 -2.20 -0.68
N LEU A 38 -6.28 -3.03 -1.63
CA LEU A 38 -6.11 -4.47 -1.53
C LEU A 38 -5.16 -4.99 -2.60
N LYS A 39 -4.98 -6.30 -2.66
CA LYS A 39 -4.10 -6.91 -3.65
C LYS A 39 -4.49 -6.48 -5.06
N GLU A 40 -5.78 -6.26 -5.28
CA GLU A 40 -6.28 -5.85 -6.58
C GLU A 40 -5.65 -4.51 -7.00
N ASP A 41 -5.39 -3.66 -6.02
CA ASP A 41 -4.80 -2.35 -6.29
C ASP A 41 -3.27 -2.45 -6.34
N ILE A 42 -2.71 -3.25 -5.45
CA ILE A 42 -1.27 -3.44 -5.39
C ILE A 42 -0.73 -4.03 -6.68
N LEU A 43 -1.29 -5.17 -7.06
CA LEU A 43 -0.88 -5.85 -8.30
C LEU A 43 -1.00 -4.93 -9.50
N ASN A 44 -1.99 -4.04 -9.47
CA ASN A 44 -2.22 -3.11 -10.55
C ASN A 44 -1.22 -1.95 -10.49
N TYR A 45 -0.75 -1.65 -9.29
CA TYR A 45 0.22 -0.57 -9.09
C TYR A 45 1.63 -1.04 -9.47
N LEU A 46 2.06 -2.14 -8.87
CA LEU A 46 3.38 -2.68 -9.13
C LEU A 46 3.63 -2.84 -10.64
N GLU A 47 2.55 -3.09 -11.37
CA GLU A 47 2.64 -3.25 -12.81
C GLU A 47 2.97 -1.92 -13.50
N LYS A 48 2.03 -0.98 -13.44
CA LYS A 48 2.22 0.32 -14.04
C LYS A 48 3.44 1.03 -13.47
N GLN A 49 3.92 2.05 -14.17
CA GLN A 49 5.08 2.81 -13.72
C GLN A 49 4.70 4.25 -13.39
N THR A 50 4.40 5.02 -14.42
CA THR A 50 4.03 6.42 -14.25
C THR A 50 5.16 7.22 -13.60
N LEU A 51 6.37 6.99 -14.07
CA LEU A 51 7.54 7.68 -13.54
C LEU A 51 7.41 9.19 -13.72
N GLU A 52 7.97 9.94 -12.78
CA GLU A 52 7.91 11.41 -12.83
C GLU A 52 8.89 11.95 -13.86
N GLY A 1 -2.00 20.73 4.81
CA GLY A 1 -1.20 19.56 5.08
C GLY A 1 -1.79 18.30 4.46
N GLU A 2 -1.55 17.17 5.10
CA GLU A 2 -2.06 15.89 4.59
C GLU A 2 -2.70 15.08 5.72
N ILE A 3 -3.21 13.91 5.38
CA ILE A 3 -3.86 13.04 6.36
C ILE A 3 -3.13 11.70 6.47
N LYS A 4 -2.79 11.32 7.69
CA LYS A 4 -2.09 10.06 7.94
C LYS A 4 -2.79 9.26 9.03
N GLY A 5 -2.71 7.94 8.92
CA GLY A 5 -3.33 7.07 9.91
C GLY A 5 -3.76 5.74 9.33
N ARG A 6 -2.79 4.90 8.99
CA ARG A 6 -3.07 3.59 8.42
C ARG A 6 -2.36 2.49 9.21
N LYS A 7 -3.11 1.44 9.54
CA LYS A 7 -2.56 0.32 10.30
C LYS A 7 -2.47 -0.93 9.43
N THR A 8 -2.27 -0.72 8.13
CA THR A 8 -2.17 -1.83 7.19
C THR A 8 -3.45 -2.66 7.17
N LEU A 9 -4.59 -1.99 7.02
CA LEU A 9 -5.88 -2.66 6.98
C LEU A 9 -6.04 -3.48 5.70
N ALA A 10 -5.75 -4.77 5.80
CA ALA A 10 -5.87 -5.66 4.64
C ALA A 10 -5.53 -7.09 5.01
N THR A 11 -5.81 -8.02 4.11
CA THR A 11 -5.53 -9.43 4.34
C THR A 11 -4.03 -9.68 4.47
N PRO A 12 -3.67 -10.83 5.09
CA PRO A 12 -2.27 -11.21 5.29
C PRO A 12 -1.59 -11.59 3.98
N ALA A 13 -2.38 -11.81 2.94
CA ALA A 13 -1.85 -12.19 1.64
C ALA A 13 -1.46 -10.95 0.83
N VAL A 14 -2.06 -9.81 1.17
CA VAL A 14 -1.78 -8.56 0.48
C VAL A 14 -0.50 -7.92 1.02
N ARG A 15 -0.22 -8.15 2.30
CA ARG A 15 0.97 -7.60 2.93
C ARG A 15 2.24 -8.17 2.30
N ARG A 16 2.33 -9.49 2.26
CA ARG A 16 3.48 -10.17 1.69
C ARG A 16 3.71 -9.73 0.24
N LEU A 17 2.61 -9.47 -0.46
CA LEU A 17 2.69 -9.04 -1.85
C LEU A 17 3.65 -7.86 -2.02
N ALA A 18 3.41 -6.81 -1.24
CA ALA A 18 4.25 -5.63 -1.29
C ALA A 18 5.70 -5.95 -0.91
N MET A 19 5.86 -6.81 0.08
CA MET A 19 7.19 -7.22 0.53
C MET A 19 7.99 -7.85 -0.61
N GLU A 20 7.28 -8.51 -1.52
CA GLU A 20 7.93 -9.15 -2.66
C GLU A 20 8.76 -8.14 -3.46
N ASN A 21 8.20 -6.95 -3.66
CA ASN A 21 8.88 -5.90 -4.40
C ASN A 21 9.63 -4.97 -3.46
N ASN A 22 9.89 -5.44 -2.24
CA ASN A 22 10.59 -4.64 -1.25
C ASN A 22 9.87 -3.32 -1.00
N ILE A 23 8.61 -3.41 -0.58
CA ILE A 23 7.81 -2.22 -0.30
C ILE A 23 6.91 -2.44 0.91
N LYS A 24 6.95 -1.49 1.84
CA LYS A 24 6.14 -1.56 3.05
C LYS A 24 4.66 -1.36 2.73
N LEU A 25 3.84 -1.28 3.76
CA LEU A 25 2.41 -1.10 3.59
C LEU A 25 1.93 0.19 4.25
N SER A 26 2.89 0.99 4.72
CA SER A 26 2.58 2.26 5.38
C SER A 26 2.80 3.44 4.42
N GLU A 27 3.15 3.12 3.18
CA GLU A 27 3.38 4.15 2.17
C GLU A 27 2.40 4.02 1.02
N VAL A 28 1.92 2.80 0.78
CA VAL A 28 0.97 2.55 -0.30
C VAL A 28 -0.22 3.50 -0.21
N VAL A 29 -0.80 3.81 -1.36
CA VAL A 29 -1.95 4.70 -1.42
C VAL A 29 -3.19 4.04 -0.80
N GLY A 30 -3.31 4.16 0.52
CA GLY A 30 -4.45 3.58 1.22
C GLY A 30 -4.73 4.27 2.54
N SER A 31 -6.00 4.29 2.93
CA SER A 31 -6.40 4.92 4.19
C SER A 31 -6.26 3.96 5.35
N GLY A 32 -6.14 2.67 5.04
CA GLY A 32 -6.01 1.66 6.08
C GLY A 32 -7.09 1.77 7.14
N LYS A 33 -8.25 2.27 6.75
CA LYS A 33 -9.37 2.44 7.66
C LYS A 33 -10.02 1.09 7.96
N ASP A 34 -10.79 0.59 6.99
CA ASP A 34 -11.47 -0.70 7.15
C ASP A 34 -11.22 -1.60 5.95
N GLY A 35 -9.97 -1.62 5.48
CA GLY A 35 -9.62 -2.44 4.33
C GLY A 35 -9.44 -1.61 3.07
N ARG A 36 -9.13 -0.34 3.23
CA ARG A 36 -8.93 0.55 2.10
C ARG A 36 -7.78 0.07 1.22
N ILE A 37 -6.78 -0.54 1.85
CA ILE A 37 -5.62 -1.06 1.13
C ILE A 37 -5.94 -2.39 0.46
N LEU A 38 -6.45 -2.33 -0.76
CA LEU A 38 -6.80 -3.53 -1.52
C LEU A 38 -5.79 -3.79 -2.62
N LYS A 39 -5.99 -4.88 -3.35
CA LYS A 39 -5.09 -5.25 -4.45
C LYS A 39 -4.94 -4.10 -5.44
N GLU A 40 -6.08 -3.49 -5.80
CA GLU A 40 -6.08 -2.38 -6.74
C GLU A 40 -5.18 -1.25 -6.24
N ASP A 41 -4.98 -1.18 -4.93
CA ASP A 41 -4.15 -0.15 -4.33
C ASP A 41 -2.67 -0.53 -4.42
N ILE A 42 -2.36 -1.77 -4.08
CA ILE A 42 -0.99 -2.26 -4.11
C ILE A 42 -0.49 -2.36 -5.55
N LEU A 43 -1.23 -3.05 -6.39
CA LEU A 43 -0.86 -3.22 -7.80
C LEU A 43 -0.66 -1.86 -8.47
N ASN A 44 -1.53 -0.91 -8.14
CA ASN A 44 -1.45 0.43 -8.70
C ASN A 44 -0.32 1.22 -8.07
N TYR A 45 0.00 0.89 -6.82
CA TYR A 45 1.07 1.58 -6.10
C TYR A 45 2.44 1.15 -6.60
N LEU A 46 2.66 -0.16 -6.66
CA LEU A 46 3.92 -0.71 -7.13
C LEU A 46 4.22 -0.27 -8.56
N GLU A 47 3.17 0.16 -9.26
CA GLU A 47 3.31 0.61 -10.64
C GLU A 47 4.14 1.90 -10.72
N LYS A 48 4.34 2.52 -9.56
CA LYS A 48 5.10 3.76 -9.49
C LYS A 48 6.46 3.61 -10.19
N GLN A 49 7.14 4.73 -10.36
CA GLN A 49 8.45 4.71 -11.02
C GLN A 49 9.18 6.04 -10.81
N THR A 50 10.50 6.00 -10.89
CA THR A 50 11.32 7.20 -10.71
C THR A 50 12.18 7.47 -11.93
N LEU A 51 12.53 8.74 -12.14
CA LEU A 51 13.35 9.13 -13.28
C LEU A 51 13.83 10.57 -13.13
N GLU A 52 14.73 10.98 -14.01
CA GLU A 52 15.27 12.34 -13.99
C GLU A 52 15.45 12.89 -15.40
N GLY A 1 13.94 4.21 8.67
CA GLY A 1 14.52 4.76 9.88
C GLY A 1 13.47 5.28 10.85
N GLU A 2 13.11 6.54 10.70
CA GLU A 2 12.12 7.16 11.58
C GLU A 2 10.97 7.76 10.75
N ILE A 3 10.59 7.05 9.69
CA ILE A 3 9.51 7.51 8.83
C ILE A 3 8.16 6.97 9.31
N LYS A 4 7.47 7.77 10.11
CA LYS A 4 6.16 7.39 10.64
C LYS A 4 5.07 7.64 9.61
N GLY A 5 4.05 6.78 9.63
CA GLY A 5 2.95 6.93 8.70
C GLY A 5 1.62 6.51 9.29
N ARG A 6 0.53 6.82 8.59
CA ARG A 6 -0.81 6.48 9.06
C ARG A 6 -1.07 4.98 8.91
N LYS A 7 -1.96 4.45 9.74
CA LYS A 7 -2.30 3.04 9.69
C LYS A 7 -2.82 2.64 8.32
N THR A 8 -3.05 1.35 8.12
CA THR A 8 -3.55 0.84 6.85
C THR A 8 -4.63 -0.21 7.06
N LEU A 9 -5.45 -0.43 6.03
CA LEU A 9 -6.52 -1.40 6.10
C LEU A 9 -6.42 -2.42 4.97
N ALA A 10 -5.98 -3.62 5.31
CA ALA A 10 -5.83 -4.69 4.32
C ALA A 10 -5.41 -6.00 4.99
N THR A 11 -5.61 -7.10 4.27
CA THR A 11 -5.26 -8.42 4.79
C THR A 11 -3.81 -8.46 5.25
N PRO A 12 -3.48 -9.44 6.10
CA PRO A 12 -2.13 -9.61 6.63
C PRO A 12 -1.15 -10.09 5.56
N ALA A 13 -1.68 -10.54 4.43
CA ALA A 13 -0.84 -11.02 3.34
C ALA A 13 -0.39 -9.86 2.46
N VAL A 14 -1.13 -8.78 2.48
CA VAL A 14 -0.80 -7.60 1.68
C VAL A 14 0.32 -6.79 2.34
N ARG A 15 0.36 -6.83 3.67
CA ARG A 15 1.38 -6.11 4.41
C ARG A 15 2.77 -6.48 3.95
N ARG A 16 3.10 -7.76 4.05
CA ARG A 16 4.41 -8.25 3.63
C ARG A 16 4.60 -8.09 2.13
N LEU A 17 3.50 -8.17 1.39
CA LEU A 17 3.54 -8.03 -0.07
C LEU A 17 4.24 -6.73 -0.47
N ALA A 18 3.69 -5.60 -0.02
CA ALA A 18 4.26 -4.30 -0.33
C ALA A 18 5.73 -4.24 0.06
N MET A 19 6.12 -5.05 1.03
CA MET A 19 7.51 -5.09 1.50
C MET A 19 8.41 -5.70 0.44
N GLU A 20 7.87 -6.64 -0.33
CA GLU A 20 8.64 -7.31 -1.38
C GLU A 20 8.98 -6.34 -2.51
N ASN A 21 8.17 -5.29 -2.64
CA ASN A 21 8.39 -4.29 -3.68
C ASN A 21 8.90 -2.98 -3.08
N ASN A 22 9.09 -2.98 -1.77
CA ASN A 22 9.58 -1.80 -1.07
C ASN A 22 8.66 -0.61 -1.31
N ILE A 23 7.39 -0.77 -0.94
CA ILE A 23 6.42 0.30 -1.12
C ILE A 23 5.48 0.40 0.07
N LYS A 24 5.56 1.51 0.80
CA LYS A 24 4.72 1.72 1.97
C LYS A 24 3.24 1.61 1.61
N LEU A 25 2.40 1.31 2.61
CA LEU A 25 0.98 1.18 2.39
C LEU A 25 0.26 2.51 2.64
N SER A 26 1.04 3.59 2.68
CA SER A 26 0.47 4.91 2.91
C SER A 26 0.53 5.76 1.64
N GLU A 27 1.01 5.15 0.56
CA GLU A 27 1.12 5.85 -0.72
C GLU A 27 0.27 5.17 -1.79
N VAL A 28 0.11 3.86 -1.65
CA VAL A 28 -0.68 3.08 -2.60
C VAL A 28 -2.05 3.71 -2.82
N VAL A 29 -2.58 3.59 -4.03
CA VAL A 29 -3.89 4.14 -4.36
C VAL A 29 -5.00 3.35 -3.70
N GLY A 30 -5.31 3.70 -2.45
CA GLY A 30 -6.35 3.02 -1.72
C GLY A 30 -7.14 3.95 -0.82
N SER A 31 -8.14 3.40 -0.14
CA SER A 31 -8.98 4.19 0.75
C SER A 31 -8.82 3.75 2.20
N GLY A 32 -8.23 2.57 2.38
CA GLY A 32 -8.02 2.04 3.72
C GLY A 32 -9.29 2.04 4.55
N LYS A 33 -10.43 1.89 3.89
CA LYS A 33 -11.72 1.87 4.57
C LYS A 33 -12.27 0.46 4.65
N ASP A 34 -12.16 -0.14 5.84
CA ASP A 34 -12.66 -1.50 6.05
C ASP A 34 -11.93 -2.49 5.15
N GLY A 35 -10.69 -2.17 4.79
CA GLY A 35 -9.91 -3.03 3.94
C GLY A 35 -10.11 -2.74 2.46
N ARG A 36 -10.18 -1.45 2.13
CA ARG A 36 -10.37 -1.03 0.75
C ARG A 36 -9.13 -1.36 -0.10
N ILE A 37 -7.97 -1.37 0.55
CA ILE A 37 -6.72 -1.67 -0.14
C ILE A 37 -6.55 -3.17 -0.36
N LEU A 38 -6.81 -3.60 -1.59
CA LEU A 38 -6.68 -5.02 -1.93
C LEU A 38 -5.63 -5.22 -3.02
N LYS A 39 -5.42 -6.48 -3.40
CA LYS A 39 -4.44 -6.81 -4.42
C LYS A 39 -4.69 -6.02 -5.71
N GLU A 40 -5.96 -5.69 -5.94
CA GLU A 40 -6.34 -4.94 -7.14
C GLU A 40 -5.74 -3.53 -7.10
N ASP A 41 -5.57 -2.99 -5.90
CA ASP A 41 -5.01 -1.66 -5.72
C ASP A 41 -3.48 -1.71 -5.73
N ILE A 42 -2.93 -2.74 -5.10
CA ILE A 42 -1.48 -2.90 -5.02
C ILE A 42 -0.90 -3.23 -6.39
N LEU A 43 -1.42 -4.29 -7.01
CA LEU A 43 -0.95 -4.70 -8.32
C LEU A 43 -1.03 -3.56 -9.33
N ASN A 44 -2.05 -2.73 -9.19
CA ASN A 44 -2.24 -1.59 -10.09
C ASN A 44 -1.30 -0.45 -9.72
N TYR A 45 -1.04 -0.30 -8.43
CA TYR A 45 -0.14 0.75 -7.95
C TYR A 45 1.31 0.45 -8.32
N LEU A 46 1.77 -0.73 -7.94
CA LEU A 46 3.15 -1.15 -8.23
C LEU A 46 3.46 -0.97 -9.72
N GLU A 47 2.44 -1.16 -10.55
CA GLU A 47 2.61 -1.02 -11.99
C GLU A 47 3.15 0.35 -12.35
N LYS A 48 2.31 1.38 -12.16
CA LYS A 48 2.70 2.75 -12.47
C LYS A 48 3.88 3.19 -11.60
N GLN A 49 4.46 4.33 -11.94
CA GLN A 49 5.60 4.86 -11.19
C GLN A 49 5.20 6.11 -10.42
N THR A 50 5.64 6.19 -9.17
CA THR A 50 5.33 7.35 -8.33
C THR A 50 6.57 7.83 -7.59
N LEU A 51 7.00 9.05 -7.89
CA LEU A 51 8.18 9.63 -7.25
C LEU A 51 7.81 10.91 -6.49
N GLU A 52 8.33 11.03 -5.27
CA GLU A 52 8.05 12.21 -4.45
C GLU A 52 8.37 13.50 -5.21
N GLY A 1 6.11 16.35 8.60
CA GLY A 1 5.29 15.17 8.38
C GLY A 1 3.88 15.34 8.90
N GLU A 2 3.01 15.91 8.08
CA GLU A 2 1.62 16.14 8.46
C GLU A 2 0.98 14.85 8.95
N ILE A 3 0.97 13.83 8.09
CA ILE A 3 0.39 12.54 8.43
C ILE A 3 1.37 11.69 9.21
N LYS A 4 1.33 11.81 10.54
CA LYS A 4 2.22 11.04 11.40
C LYS A 4 1.53 9.79 11.92
N GLY A 5 2.08 8.63 11.57
CA GLY A 5 1.49 7.37 12.00
C GLY A 5 1.41 6.35 10.88
N ARG A 6 0.69 5.26 11.12
CA ARG A 6 0.54 4.21 10.13
C ARG A 6 -0.92 3.80 9.98
N LYS A 7 -1.38 3.67 8.75
CA LYS A 7 -2.76 3.28 8.48
C LYS A 7 -2.82 2.17 7.42
N THR A 8 -2.47 0.96 7.84
CA THR A 8 -2.48 -0.19 6.94
C THR A 8 -3.77 -0.99 7.08
N LEU A 9 -4.57 -1.01 6.02
CA LEU A 9 -5.84 -1.73 6.02
C LEU A 9 -5.91 -2.72 4.86
N ALA A 10 -5.60 -3.98 5.14
CA ALA A 10 -5.63 -5.01 4.11
C ALA A 10 -5.26 -6.37 4.70
N THR A 11 -5.60 -7.43 3.97
CA THR A 11 -5.30 -8.79 4.42
C THR A 11 -3.82 -8.95 4.77
N PRO A 12 -3.52 -9.98 5.56
CA PRO A 12 -2.13 -10.27 5.98
C PRO A 12 -1.27 -10.77 4.83
N ALA A 13 -1.92 -11.26 3.77
CA ALA A 13 -1.21 -11.76 2.60
C ALA A 13 -0.85 -10.63 1.65
N VAL A 14 -1.63 -9.55 1.70
CA VAL A 14 -1.40 -8.40 0.83
C VAL A 14 -0.24 -7.54 1.36
N ARG A 15 -0.23 -7.32 2.67
CA ARG A 15 0.82 -6.52 3.29
C ARG A 15 2.20 -7.08 2.96
N ARG A 16 2.30 -8.41 2.93
CA ARG A 16 3.56 -9.07 2.63
C ARG A 16 3.89 -8.98 1.14
N LEU A 17 2.85 -8.86 0.32
CA LEU A 17 3.02 -8.76 -1.13
C LEU A 17 4.00 -7.65 -1.49
N ALA A 18 3.63 -6.42 -1.15
CA ALA A 18 4.47 -5.26 -1.44
C ALA A 18 5.80 -5.36 -0.69
N MET A 19 5.80 -6.07 0.44
CA MET A 19 7.00 -6.23 1.24
C MET A 19 8.13 -6.83 0.42
N GLU A 20 7.81 -7.88 -0.35
CA GLU A 20 8.80 -8.55 -1.18
C GLU A 20 9.19 -7.67 -2.36
N ASN A 21 8.35 -6.68 -2.66
CA ASN A 21 8.61 -5.78 -3.77
C ASN A 21 9.28 -4.49 -3.28
N ASN A 22 9.78 -4.53 -2.05
CA ASN A 22 10.44 -3.37 -1.46
C ASN A 22 9.55 -2.13 -1.55
N ILE A 23 8.26 -2.31 -1.27
CA ILE A 23 7.31 -1.20 -1.32
C ILE A 23 6.42 -1.20 -0.07
N LYS A 24 6.59 -0.17 0.76
CA LYS A 24 5.80 -0.04 1.97
C LYS A 24 4.35 0.33 1.65
N LEU A 25 3.43 -0.09 2.52
CA LEU A 25 2.01 0.19 2.32
C LEU A 25 1.76 1.70 2.24
N SER A 26 2.69 2.47 2.78
CA SER A 26 2.57 3.93 2.78
C SER A 26 2.84 4.49 1.38
N GLU A 27 3.66 3.77 0.63
CA GLU A 27 4.01 4.19 -0.73
C GLU A 27 2.88 3.90 -1.70
N VAL A 28 2.32 2.70 -1.60
CA VAL A 28 1.22 2.29 -2.48
C VAL A 28 -0.03 3.12 -2.21
N VAL A 29 -0.83 3.32 -3.25
CA VAL A 29 -2.06 4.08 -3.13
C VAL A 29 -3.10 3.34 -2.30
N GLY A 30 -3.93 4.10 -1.59
CA GLY A 30 -4.96 3.50 -0.75
C GLY A 30 -5.37 4.39 0.40
N SER A 31 -6.65 4.39 0.71
CA SER A 31 -7.17 5.21 1.80
C SER A 31 -6.92 4.56 3.15
N GLY A 32 -6.60 3.26 3.13
CA GLY A 32 -6.33 2.54 4.35
C GLY A 32 -7.41 2.73 5.39
N LYS A 33 -8.64 2.96 4.92
CA LYS A 33 -9.78 3.16 5.82
C LYS A 33 -10.27 1.83 6.38
N ASP A 34 -10.95 1.05 5.55
CA ASP A 34 -11.47 -0.24 5.96
C ASP A 34 -11.12 -1.32 4.94
N GLY A 35 -9.93 -1.23 4.38
CA GLY A 35 -9.50 -2.21 3.38
C GLY A 35 -9.43 -1.62 1.99
N ARG A 36 -9.20 -0.32 1.90
CA ARG A 36 -9.11 0.36 0.62
C ARG A 36 -7.95 -0.17 -0.21
N ILE A 37 -6.91 -0.63 0.48
CA ILE A 37 -5.73 -1.16 -0.19
C ILE A 37 -5.93 -2.64 -0.56
N LEU A 38 -6.48 -2.87 -1.74
CA LEU A 38 -6.73 -4.23 -2.22
C LEU A 38 -5.65 -4.65 -3.22
N LYS A 39 -5.70 -5.92 -3.63
CA LYS A 39 -4.75 -6.45 -4.59
C LYS A 39 -4.72 -5.60 -5.86
N GLU A 40 -5.89 -5.08 -6.24
CA GLU A 40 -5.99 -4.25 -7.43
C GLU A 40 -5.12 -3.00 -7.30
N ASP A 41 -4.93 -2.54 -6.08
CA ASP A 41 -4.12 -1.35 -5.82
C ASP A 41 -2.63 -1.72 -5.78
N ILE A 42 -2.32 -2.82 -5.11
CA ILE A 42 -0.94 -3.26 -4.99
C ILE A 42 -0.39 -3.70 -6.35
N LEU A 43 -1.11 -4.62 -7.00
CA LEU A 43 -0.69 -5.11 -8.31
C LEU A 43 -0.56 -3.98 -9.31
N ASN A 44 -1.43 -2.98 -9.19
CA ASN A 44 -1.41 -1.83 -10.09
C ASN A 44 -0.28 -0.87 -9.72
N TYR A 45 -0.03 -0.73 -8.42
CA TYR A 45 1.03 0.15 -7.94
C TYR A 45 2.41 -0.41 -8.28
N LEU A 46 2.65 -1.65 -7.85
CA LEU A 46 3.93 -2.31 -8.11
C LEU A 46 4.30 -2.23 -9.59
N GLU A 47 3.28 -2.24 -10.44
CA GLU A 47 3.49 -2.16 -11.88
C GLU A 47 3.78 -0.74 -12.32
N LYS A 48 2.83 0.15 -12.10
CA LYS A 48 2.98 1.55 -12.48
C LYS A 48 4.19 2.17 -11.78
N GLN A 49 4.89 3.05 -12.49
CA GLN A 49 6.07 3.71 -11.95
C GLN A 49 5.76 5.16 -11.59
N THR A 50 6.17 5.57 -10.39
CA THR A 50 5.93 6.93 -9.93
C THR A 50 7.00 7.36 -8.94
N LEU A 51 7.33 8.66 -8.96
CA LEU A 51 8.34 9.19 -8.05
C LEU A 51 7.91 10.55 -7.49
N GLU A 52 8.19 10.77 -6.21
CA GLU A 52 7.83 12.01 -5.55
C GLU A 52 8.47 13.21 -6.25
N GLY A 1 9.57 16.73 10.09
CA GLY A 1 9.06 15.59 9.35
C GLY A 1 9.04 14.32 10.19
N GLU A 2 7.87 13.70 10.28
CA GLU A 2 7.72 12.48 11.06
C GLU A 2 6.78 11.50 10.35
N ILE A 3 7.25 10.28 10.16
CA ILE A 3 6.46 9.24 9.49
C ILE A 3 5.66 8.43 10.51
N LYS A 4 4.42 8.86 10.75
CA LYS A 4 3.55 8.17 11.69
C LYS A 4 2.76 7.07 11.00
N GLY A 5 2.63 5.93 11.67
CA GLY A 5 1.91 4.80 11.10
C GLY A 5 2.64 3.49 11.26
N ARG A 6 1.96 2.49 11.80
CA ARG A 6 2.55 1.17 12.02
C ARG A 6 1.82 0.12 11.20
N LYS A 7 0.53 0.33 10.97
CA LYS A 7 -0.28 -0.61 10.22
C LYS A 7 -1.05 0.10 9.10
N THR A 8 -1.67 -0.67 8.22
CA THR A 8 -2.44 -0.11 7.12
C THR A 8 -3.75 -0.85 6.93
N LEU A 9 -4.67 -0.25 6.18
CA LEU A 9 -5.97 -0.86 5.92
C LEU A 9 -5.89 -1.83 4.74
N ALA A 10 -5.52 -3.08 5.03
CA ALA A 10 -5.41 -4.10 4.00
C ALA A 10 -5.11 -5.46 4.61
N THR A 11 -5.33 -6.52 3.83
CA THR A 11 -5.08 -7.87 4.29
C THR A 11 -3.66 -8.02 4.82
N PRO A 12 -3.43 -9.07 5.62
CA PRO A 12 -2.11 -9.35 6.22
C PRO A 12 -1.11 -9.81 5.18
N ALA A 13 -1.59 -10.19 4.00
CA ALA A 13 -0.73 -10.65 2.92
C ALA A 13 -0.20 -9.48 2.11
N VAL A 14 -0.96 -8.39 2.08
CA VAL A 14 -0.56 -7.20 1.34
C VAL A 14 0.56 -6.45 2.06
N ARG A 15 0.58 -6.55 3.39
CA ARG A 15 1.60 -5.89 4.18
C ARG A 15 3.00 -6.30 3.73
N ARG A 16 3.25 -7.60 3.66
CA ARG A 16 4.54 -8.12 3.24
C ARG A 16 4.71 -7.98 1.72
N LEU A 17 3.58 -7.91 1.01
CA LEU A 17 3.61 -7.79 -0.45
C LEU A 17 4.31 -6.51 -0.87
N ALA A 18 3.79 -5.37 -0.41
CA ALA A 18 4.37 -4.08 -0.74
C ALA A 18 5.86 -4.04 -0.39
N MET A 19 6.26 -4.86 0.57
CA MET A 19 7.66 -4.91 0.99
C MET A 19 8.53 -5.54 -0.10
N GLU A 20 7.98 -6.53 -0.79
CA GLU A 20 8.70 -7.21 -1.85
C GLU A 20 9.03 -6.25 -2.99
N ASN A 21 8.22 -5.20 -3.12
CA ASN A 21 8.42 -4.20 -4.16
C ASN A 21 8.94 -2.90 -3.58
N ASN A 22 9.15 -2.88 -2.26
CA ASN A 22 9.65 -1.70 -1.58
C ASN A 22 8.76 -0.49 -1.86
N ILE A 23 7.52 -0.55 -1.39
CA ILE A 23 6.57 0.53 -1.59
C ILE A 23 5.69 0.73 -0.36
N LYS A 24 5.36 1.99 -0.08
CA LYS A 24 4.51 2.32 1.07
C LYS A 24 3.04 2.12 0.74
N LEU A 25 2.20 2.13 1.76
CA LEU A 25 0.76 1.95 1.58
C LEU A 25 0.03 3.29 1.70
N SER A 26 0.80 4.38 1.68
CA SER A 26 0.23 5.71 1.78
C SER A 26 0.27 6.43 0.43
N GLU A 27 0.79 5.74 -0.57
CA GLU A 27 0.89 6.31 -1.92
C GLU A 27 0.04 5.51 -2.91
N VAL A 28 -0.26 4.27 -2.56
CA VAL A 28 -1.07 3.41 -3.41
C VAL A 28 -2.47 3.96 -3.59
N VAL A 29 -3.12 3.59 -4.68
CA VAL A 29 -4.48 4.05 -4.96
C VAL A 29 -5.48 3.44 -3.99
N GLY A 30 -5.64 4.06 -2.83
CA GLY A 30 -6.57 3.57 -1.84
C GLY A 30 -7.15 4.67 -0.98
N SER A 31 -8.00 4.30 -0.04
CA SER A 31 -8.63 5.27 0.85
C SER A 31 -8.18 5.07 2.30
N GLY A 32 -7.59 3.91 2.56
CA GLY A 32 -7.13 3.60 3.91
C GLY A 32 -8.20 3.86 4.96
N LYS A 33 -9.38 3.30 4.74
CA LYS A 33 -10.48 3.46 5.68
C LYS A 33 -10.98 2.10 6.18
N ASP A 34 -11.58 1.33 5.29
CA ASP A 34 -12.10 0.01 5.64
C ASP A 34 -11.44 -1.07 4.80
N GLY A 35 -10.11 -1.01 4.70
CA GLY A 35 -9.37 -1.99 3.92
C GLY A 35 -9.54 -1.78 2.43
N ARG A 36 -9.70 -0.53 2.02
CA ARG A 36 -9.86 -0.21 0.61
C ARG A 36 -8.68 -0.71 -0.21
N ILE A 37 -7.49 -0.62 0.37
CA ILE A 37 -6.28 -1.08 -0.31
C ILE A 37 -6.26 -2.59 -0.46
N LEU A 38 -6.60 -3.08 -1.65
CA LEU A 38 -6.61 -4.51 -1.92
C LEU A 38 -5.59 -4.87 -2.99
N LYS A 39 -5.44 -6.17 -3.23
CA LYS A 39 -4.50 -6.66 -4.23
C LYS A 39 -4.75 -6.01 -5.59
N GLU A 40 -6.03 -5.78 -5.89
CA GLU A 40 -6.42 -5.17 -7.15
C GLU A 40 -5.85 -3.76 -7.27
N ASP A 41 -5.66 -3.11 -6.12
CA ASP A 41 -5.12 -1.75 -6.09
C ASP A 41 -3.59 -1.77 -6.12
N ILE A 42 -3.00 -2.72 -5.40
CA ILE A 42 -1.56 -2.85 -5.35
C ILE A 42 -0.99 -3.30 -6.69
N LEU A 43 -1.50 -4.42 -7.19
CA LEU A 43 -1.05 -4.96 -8.47
C LEU A 43 -1.12 -3.90 -9.57
N ASN A 44 -2.18 -3.09 -9.55
CA ASN A 44 -2.37 -2.05 -10.53
C ASN A 44 -1.47 -0.85 -10.23
N TYR A 45 -1.13 -0.67 -8.95
CA TYR A 45 -0.28 0.43 -8.53
C TYR A 45 1.17 0.17 -8.92
N LEU A 46 1.70 -0.98 -8.50
CA LEU A 46 3.07 -1.35 -8.80
C LEU A 46 3.35 -1.21 -10.29
N GLU A 47 2.34 -1.45 -11.11
CA GLU A 47 2.48 -1.35 -12.56
C GLU A 47 2.56 0.12 -13.00
N LYS A 48 1.63 0.92 -12.48
CA LYS A 48 1.60 2.35 -12.81
C LYS A 48 2.29 3.18 -11.74
N GLN A 49 3.38 2.66 -11.20
CA GLN A 49 4.12 3.36 -10.16
C GLN A 49 4.62 4.71 -10.66
N THR A 50 4.54 5.72 -9.80
CA THR A 50 4.97 7.07 -10.16
C THR A 50 6.48 7.23 -9.93
N LEU A 51 6.90 7.13 -8.67
CA LEU A 51 8.30 7.28 -8.31
C LEU A 51 9.17 6.34 -9.15
N GLU A 52 10.47 6.60 -9.17
CA GLU A 52 11.40 5.77 -9.93
C GLU A 52 11.44 4.35 -9.37
N GLY A 1 8.20 17.52 13.87
CA GLY A 1 7.15 16.90 13.10
C GLY A 1 6.77 15.53 13.62
N GLU A 2 5.73 15.48 14.44
CA GLU A 2 5.27 14.23 15.02
C GLU A 2 4.26 13.54 14.10
N ILE A 3 4.69 12.47 13.45
CA ILE A 3 3.84 11.72 12.55
C ILE A 3 3.26 10.48 13.22
N LYS A 4 1.98 10.52 13.53
CA LYS A 4 1.30 9.40 14.18
C LYS A 4 0.23 8.79 13.26
N GLY A 5 0.33 7.49 13.02
CA GLY A 5 -0.64 6.83 12.17
C GLY A 5 -0.01 5.73 11.33
N ARG A 6 0.53 4.72 11.99
CA ARG A 6 1.17 3.60 11.30
C ARG A 6 0.13 2.58 10.83
N LYS A 7 -1.01 2.56 11.51
CA LYS A 7 -2.08 1.63 11.18
C LYS A 7 -2.43 1.73 9.69
N THR A 8 -2.31 0.61 8.99
CA THR A 8 -2.63 0.57 7.57
C THR A 8 -4.01 0.01 7.32
N LEU A 9 -4.45 0.04 6.06
CA LEU A 9 -5.76 -0.47 5.69
C LEU A 9 -5.64 -1.51 4.59
N ALA A 10 -5.35 -2.75 4.96
CA ALA A 10 -5.21 -3.84 4.00
C ALA A 10 -5.02 -5.18 4.70
N THR A 11 -5.60 -6.23 4.13
CA THR A 11 -5.49 -7.56 4.71
C THR A 11 -4.03 -7.95 4.92
N PRO A 12 -3.81 -8.95 5.79
CA PRO A 12 -2.46 -9.43 6.11
C PRO A 12 -1.82 -10.18 4.95
N ALA A 13 -2.63 -10.54 3.96
CA ALA A 13 -2.16 -11.26 2.78
C ALA A 13 -1.61 -10.29 1.74
N VAL A 14 -2.15 -9.07 1.74
CA VAL A 14 -1.72 -8.05 0.78
C VAL A 14 -0.45 -7.35 1.27
N ARG A 15 -0.34 -7.18 2.58
CA ARG A 15 0.82 -6.52 3.16
C ARG A 15 2.11 -7.21 2.74
N ARG A 16 2.14 -8.53 2.87
CA ARG A 16 3.32 -9.31 2.50
C ARG A 16 3.69 -9.07 1.03
N LEU A 17 2.70 -8.70 0.24
CA LEU A 17 2.92 -8.44 -1.19
C LEU A 17 3.82 -7.22 -1.38
N ALA A 18 3.38 -6.07 -0.89
CA ALA A 18 4.14 -4.84 -1.00
C ALA A 18 5.54 -5.00 -0.42
N MET A 19 5.67 -5.92 0.54
CA MET A 19 6.96 -6.17 1.19
C MET A 19 7.96 -6.73 0.18
N GLU A 20 7.47 -7.52 -0.77
CA GLU A 20 8.32 -8.12 -1.79
C GLU A 20 8.98 -7.04 -2.65
N ASN A 21 8.32 -5.88 -2.74
CA ASN A 21 8.83 -4.77 -3.54
C ASN A 21 9.34 -3.65 -2.64
N ASN A 22 9.13 -3.80 -1.33
CA ASN A 22 9.56 -2.80 -0.37
C ASN A 22 8.85 -1.47 -0.60
N ILE A 23 7.54 -1.54 -0.78
CA ILE A 23 6.74 -0.33 -1.00
C ILE A 23 5.76 -0.11 0.14
N LYS A 24 5.93 1.00 0.86
CA LYS A 24 5.05 1.34 1.96
C LYS A 24 3.61 1.54 1.49
N LEU A 25 2.66 1.19 2.34
CA LEU A 25 1.25 1.33 2.01
C LEU A 25 0.91 2.79 1.71
N SER A 26 1.74 3.70 2.19
CA SER A 26 1.52 5.12 1.98
C SER A 26 1.88 5.52 0.55
N GLU A 27 2.80 4.77 -0.05
CA GLU A 27 3.22 5.04 -1.43
C GLU A 27 2.20 4.51 -2.42
N VAL A 28 1.74 3.28 -2.20
CA VAL A 28 0.76 2.66 -3.08
C VAL A 28 -0.57 3.42 -3.05
N VAL A 29 -1.27 3.42 -4.18
CA VAL A 29 -2.56 4.10 -4.28
C VAL A 29 -3.61 3.40 -3.44
N GLY A 30 -4.59 4.16 -2.98
CA GLY A 30 -5.67 3.59 -2.17
C GLY A 30 -6.42 4.64 -1.38
N SER A 31 -7.51 4.24 -0.76
CA SER A 31 -8.33 5.16 0.04
C SER A 31 -7.99 5.04 1.52
N GLY A 32 -7.33 3.95 1.88
CA GLY A 32 -6.96 3.72 3.27
C GLY A 32 -8.12 3.95 4.22
N LYS A 33 -9.33 3.69 3.75
CA LYS A 33 -10.53 3.86 4.56
C LYS A 33 -10.81 2.60 5.38
N ASP A 34 -11.33 1.57 4.72
CA ASP A 34 -11.65 0.32 5.38
C ASP A 34 -11.08 -0.86 4.61
N GLY A 35 -9.77 -0.82 4.33
CA GLY A 35 -9.13 -1.89 3.60
C GLY A 35 -9.26 -1.72 2.10
N ARG A 36 -9.30 -0.47 1.65
CA ARG A 36 -9.42 -0.19 0.22
C ARG A 36 -8.17 -0.62 -0.53
N ILE A 37 -7.04 -0.59 0.15
CA ILE A 37 -5.77 -0.97 -0.46
C ILE A 37 -5.67 -2.49 -0.58
N LEU A 38 -6.15 -3.02 -1.69
CA LEU A 38 -6.11 -4.46 -1.93
C LEU A 38 -5.12 -4.81 -3.05
N LYS A 39 -5.02 -6.08 -3.38
CA LYS A 39 -4.11 -6.54 -4.42
C LYS A 39 -4.38 -5.79 -5.72
N GLU A 40 -5.62 -5.37 -5.92
CA GLU A 40 -5.99 -4.65 -7.13
C GLU A 40 -5.27 -3.30 -7.20
N ASP A 41 -5.02 -2.71 -6.05
CA ASP A 41 -4.33 -1.42 -5.97
C ASP A 41 -2.82 -1.62 -5.90
N ILE A 42 -2.40 -2.72 -5.29
CA ILE A 42 -0.98 -3.01 -5.15
C ILE A 42 -0.39 -3.49 -6.47
N LEU A 43 -1.03 -4.50 -7.07
CA LEU A 43 -0.57 -5.05 -8.34
C LEU A 43 -0.57 -3.97 -9.44
N ASN A 44 -1.55 -3.07 -9.37
CA ASN A 44 -1.66 -1.99 -10.34
C ASN A 44 -0.63 -0.90 -10.08
N TYR A 45 -0.24 -0.76 -8.81
CA TYR A 45 0.73 0.25 -8.42
C TYR A 45 2.15 -0.21 -8.73
N LEU A 46 2.49 -1.41 -8.26
CA LEU A 46 3.81 -1.97 -8.49
C LEU A 46 4.18 -1.92 -9.97
N GLU A 47 3.17 -2.04 -10.82
CA GLU A 47 3.39 -2.01 -12.27
C GLU A 47 3.52 -0.58 -12.77
N LYS A 48 2.53 0.25 -12.45
CA LYS A 48 2.54 1.65 -12.87
C LYS A 48 3.83 2.34 -12.46
N GLN A 49 4.30 3.24 -13.29
CA GLN A 49 5.54 3.97 -13.01
C GLN A 49 5.26 5.24 -12.20
N THR A 50 6.29 5.75 -11.54
CA THR A 50 6.15 6.96 -10.73
C THR A 50 6.84 8.15 -11.40
N LEU A 51 7.98 7.90 -12.01
CA LEU A 51 8.74 8.95 -12.68
C LEU A 51 8.07 9.35 -14.00
N GLU A 52 7.57 8.36 -14.72
CA GLU A 52 6.90 8.60 -15.99
C GLU A 52 5.49 8.02 -15.99
N GLY A 1 6.73 16.80 13.60
CA GLY A 1 5.39 17.18 13.20
C GLY A 1 4.53 15.98 12.81
N GLU A 2 3.89 16.07 11.65
CA GLU A 2 3.04 14.98 11.17
C GLU A 2 3.59 14.39 9.87
N ILE A 3 4.28 13.26 9.99
CA ILE A 3 4.85 12.60 8.82
C ILE A 3 4.12 11.29 8.52
N LYS A 4 3.93 10.48 9.56
CA LYS A 4 3.26 9.20 9.41
C LYS A 4 2.19 9.01 10.49
N GLY A 5 1.12 8.30 10.16
CA GLY A 5 0.06 8.07 11.11
C GLY A 5 -1.31 8.09 10.46
N ARG A 6 -1.76 6.95 9.95
CA ARG A 6 -3.06 6.85 9.30
C ARG A 6 -3.48 5.39 9.15
N LYS A 7 -4.78 5.15 9.18
CA LYS A 7 -5.32 3.81 9.05
C LYS A 7 -4.79 3.14 7.78
N THR A 8 -4.21 1.95 7.93
CA THR A 8 -3.67 1.21 6.80
C THR A 8 -3.92 -0.28 6.96
N LEU A 9 -5.13 -0.71 6.63
CA LEU A 9 -5.50 -2.12 6.73
C LEU A 9 -5.29 -2.83 5.40
N ALA A 10 -5.12 -4.14 5.46
CA ALA A 10 -4.91 -4.94 4.26
C ALA A 10 -4.76 -6.42 4.61
N THR A 11 -5.14 -7.29 3.67
CA THR A 11 -5.04 -8.72 3.87
C THR A 11 -3.62 -9.13 4.28
N PRO A 12 -3.49 -10.32 4.88
CA PRO A 12 -2.20 -10.85 5.33
C PRO A 12 -1.30 -11.23 4.17
N ALA A 13 -1.86 -11.26 2.97
CA ALA A 13 -1.11 -11.61 1.77
C ALA A 13 -0.38 -10.39 1.20
N VAL A 14 -0.97 -9.22 1.41
CA VAL A 14 -0.38 -7.98 0.91
C VAL A 14 0.84 -7.58 1.74
N ARG A 15 0.82 -7.94 3.02
CA ARG A 15 1.93 -7.63 3.91
C ARG A 15 3.24 -8.15 3.35
N ARG A 16 3.28 -9.44 3.04
CA ARG A 16 4.49 -10.06 2.49
C ARG A 16 4.69 -9.66 1.03
N LEU A 17 3.59 -9.53 0.30
CA LEU A 17 3.66 -9.15 -1.11
C LEU A 17 4.40 -7.83 -1.28
N ALA A 18 3.91 -6.79 -0.63
CA ALA A 18 4.53 -5.47 -0.71
C ALA A 18 6.02 -5.55 -0.38
N MET A 19 6.39 -6.52 0.45
CA MET A 19 7.78 -6.70 0.85
C MET A 19 8.63 -7.10 -0.34
N GLU A 20 8.05 -7.87 -1.26
CA GLU A 20 8.76 -8.33 -2.45
C GLU A 20 9.13 -7.15 -3.35
N ASN A 21 8.38 -6.06 -3.22
CA ASN A 21 8.63 -4.87 -4.02
C ASN A 21 9.17 -3.73 -3.16
N ASN A 22 9.40 -4.03 -1.89
CA ASN A 22 9.92 -3.04 -0.95
C ASN A 22 9.03 -1.80 -0.91
N ILE A 23 7.74 -2.02 -0.67
CA ILE A 23 6.77 -0.93 -0.59
C ILE A 23 5.91 -1.04 0.66
N LYS A 24 6.24 -0.21 1.66
CA LYS A 24 5.50 -0.21 2.91
C LYS A 24 4.02 0.11 2.66
N LEU A 25 3.17 -0.32 3.60
CA LEU A 25 1.73 -0.08 3.49
C LEU A 25 1.42 1.41 3.53
N SER A 26 2.39 2.19 3.98
CA SER A 26 2.23 3.64 4.08
C SER A 26 2.75 4.33 2.82
N GLU A 27 2.88 3.56 1.75
CA GLU A 27 3.38 4.11 0.49
C GLU A 27 2.35 3.92 -0.62
N VAL A 28 1.73 2.74 -0.66
CA VAL A 28 0.73 2.43 -1.67
C VAL A 28 -0.53 3.27 -1.48
N VAL A 29 -1.18 3.62 -2.58
CA VAL A 29 -2.39 4.43 -2.52
C VAL A 29 -3.56 3.63 -1.91
N GLY A 30 -3.63 3.64 -0.59
CA GLY A 30 -4.69 2.92 0.09
C GLY A 30 -5.36 3.75 1.17
N SER A 31 -6.69 3.66 1.26
CA SER A 31 -7.44 4.41 2.26
C SER A 31 -7.37 3.74 3.61
N GLY A 32 -6.97 2.47 3.61
CA GLY A 32 -6.87 1.72 4.86
C GLY A 32 -8.11 1.85 5.72
N LYS A 33 -9.27 1.95 5.07
CA LYS A 33 -10.54 2.09 5.78
C LYS A 33 -11.25 0.74 5.87
N ASP A 34 -11.01 0.01 6.95
CA ASP A 34 -11.63 -1.29 7.15
C ASP A 34 -11.19 -2.29 6.08
N GLY A 35 -9.94 -2.16 5.65
CA GLY A 35 -9.42 -3.05 4.62
C GLY A 35 -9.67 -2.54 3.23
N ARG A 36 -9.47 -1.24 3.03
CA ARG A 36 -9.68 -0.62 1.72
C ARG A 36 -8.50 -0.90 0.79
N ILE A 37 -7.38 -1.33 1.37
CA ILE A 37 -6.19 -1.64 0.60
C ILE A 37 -6.10 -3.13 0.29
N LEU A 38 -5.98 -3.47 -0.99
CA LEU A 38 -5.88 -4.86 -1.41
C LEU A 38 -5.03 -4.98 -2.68
N LYS A 39 -4.94 -6.20 -3.20
CA LYS A 39 -4.16 -6.45 -4.41
C LYS A 39 -4.58 -5.52 -5.54
N GLU A 40 -5.86 -5.16 -5.55
CA GLU A 40 -6.39 -4.27 -6.58
C GLU A 40 -5.68 -2.93 -6.57
N ASP A 41 -5.34 -2.46 -5.37
CA ASP A 41 -4.65 -1.18 -5.22
C ASP A 41 -3.14 -1.37 -5.31
N ILE A 42 -2.65 -2.48 -4.76
CA ILE A 42 -1.22 -2.78 -4.78
C ILE A 42 -0.73 -2.99 -6.20
N LEU A 43 -1.37 -3.92 -6.91
CA LEU A 43 -0.99 -4.22 -8.29
C LEU A 43 -0.97 -2.95 -9.14
N ASN A 44 -1.90 -2.04 -8.86
CA ASN A 44 -2.00 -0.79 -9.59
C ASN A 44 -0.91 0.19 -9.15
N TYR A 45 -0.55 0.12 -7.88
CA TYR A 45 0.48 0.99 -7.32
C TYR A 45 1.86 0.59 -7.81
N LEU A 46 2.20 -0.68 -7.59
CA LEU A 46 3.50 -1.20 -8.01
C LEU A 46 3.76 -0.88 -9.48
N GLU A 47 2.70 -0.83 -10.27
CA GLU A 47 2.81 -0.55 -11.70
C GLU A 47 2.96 0.95 -11.94
N LYS A 48 2.31 1.74 -11.10
CA LYS A 48 2.36 3.20 -11.21
C LYS A 48 3.78 3.71 -11.03
N GLN A 49 4.32 4.37 -12.06
CA GLN A 49 5.67 4.90 -12.00
C GLN A 49 5.84 5.82 -10.80
N THR A 50 7.02 5.80 -10.20
CA THR A 50 7.32 6.62 -9.04
C THR A 50 8.55 7.49 -9.28
N LEU A 51 9.64 6.86 -9.71
CA LEU A 51 10.89 7.57 -9.98
C LEU A 51 10.66 8.71 -10.96
N GLU A 52 11.69 9.53 -11.15
CA GLU A 52 11.60 10.67 -12.06
C GLU A 52 11.11 10.21 -13.44
N GLY A 1 2.84 15.26 4.66
CA GLY A 1 2.01 14.09 4.41
C GLY A 1 1.49 13.45 5.69
N GLU A 2 1.57 12.13 5.77
CA GLU A 2 1.10 11.40 6.94
C GLU A 2 2.14 10.39 7.39
N ILE A 3 3.33 10.86 7.74
CA ILE A 3 4.41 9.99 8.19
C ILE A 3 3.99 9.21 9.42
N LYS A 4 3.04 9.75 10.18
CA LYS A 4 2.55 9.09 11.39
C LYS A 4 1.62 7.94 11.04
N GLY A 5 1.63 6.90 11.87
CA GLY A 5 0.78 5.75 11.63
C GLY A 5 1.57 4.51 11.27
N ARG A 6 1.30 3.41 11.96
CA ARG A 6 1.99 2.15 11.70
C ARG A 6 1.08 1.17 10.99
N LYS A 7 0.02 0.75 11.67
CA LYS A 7 -0.93 -0.20 11.10
C LYS A 7 -1.64 0.41 9.89
N THR A 8 -2.00 -0.45 8.93
CA THR A 8 -2.67 0.00 7.73
C THR A 8 -3.98 -0.76 7.51
N LEU A 9 -4.71 -0.40 6.46
CA LEU A 9 -5.98 -1.05 6.15
C LEU A 9 -5.85 -1.91 4.89
N ALA A 10 -5.42 -3.16 5.09
CA ALA A 10 -5.26 -4.08 3.97
C ALA A 10 -4.91 -5.48 4.46
N THR A 11 -5.09 -6.47 3.59
CA THR A 11 -4.81 -7.85 3.94
C THR A 11 -3.37 -8.00 4.45
N PRO A 12 -3.11 -9.10 5.19
CA PRO A 12 -1.79 -9.39 5.74
C PRO A 12 -0.77 -9.73 4.67
N ALA A 13 -1.26 -10.05 3.47
CA ALA A 13 -0.39 -10.41 2.35
C ALA A 13 0.12 -9.16 1.63
N VAL A 14 -0.67 -8.09 1.70
CA VAL A 14 -0.30 -6.83 1.05
C VAL A 14 0.83 -6.14 1.79
N ARG A 15 0.85 -6.32 3.10
CA ARG A 15 1.89 -5.71 3.94
C ARG A 15 3.28 -6.15 3.49
N ARG A 16 3.45 -7.46 3.31
CA ARG A 16 4.73 -8.02 2.90
C ARG A 16 4.96 -7.76 1.40
N LEU A 17 3.90 -7.86 0.62
CA LEU A 17 3.99 -7.64 -0.82
C LEU A 17 4.61 -6.28 -1.13
N ALA A 18 3.92 -5.22 -0.72
CA ALA A 18 4.40 -3.87 -0.94
C ALA A 18 5.81 -3.68 -0.38
N MET A 19 6.16 -4.47 0.62
CA MET A 19 7.47 -4.40 1.24
C MET A 19 8.56 -4.90 0.27
N GLU A 20 8.23 -5.94 -0.47
CA GLU A 20 9.19 -6.51 -1.43
C GLU A 20 9.60 -5.48 -2.46
N ASN A 21 8.78 -4.45 -2.62
CA ASN A 21 9.06 -3.39 -3.59
C ASN A 21 9.45 -2.09 -2.87
N ASN A 22 9.83 -2.22 -1.60
CA ASN A 22 10.23 -1.07 -0.80
C ASN A 22 9.11 -0.03 -0.75
N ILE A 23 7.91 -0.48 -0.43
CA ILE A 23 6.76 0.42 -0.35
C ILE A 23 5.84 0.03 0.81
N LYS A 24 5.36 1.03 1.54
CA LYS A 24 4.47 0.80 2.67
C LYS A 24 3.01 0.81 2.22
N LEU A 25 2.12 0.43 3.13
CA LEU A 25 0.69 0.39 2.82
C LEU A 25 0.06 1.76 3.02
N SER A 26 0.79 2.65 3.70
CA SER A 26 0.30 4.00 3.95
C SER A 26 0.77 4.96 2.87
N GLU A 27 1.19 4.42 1.74
CA GLU A 27 1.67 5.23 0.62
C GLU A 27 0.91 4.88 -0.66
N VAL A 28 0.60 3.60 -0.83
CA VAL A 28 -0.13 3.15 -2.02
C VAL A 28 -1.38 3.96 -2.24
N VAL A 29 -1.76 4.13 -3.51
CA VAL A 29 -2.95 4.90 -3.86
C VAL A 29 -4.22 4.17 -3.43
N GLY A 30 -4.61 4.35 -2.18
CA GLY A 30 -5.81 3.71 -1.67
C GLY A 30 -6.65 4.64 -0.82
N SER A 31 -7.62 4.07 -0.12
CA SER A 31 -8.51 4.85 0.74
C SER A 31 -8.32 4.47 2.21
N GLY A 32 -7.68 3.33 2.43
CA GLY A 32 -7.44 2.87 3.79
C GLY A 32 -8.71 2.86 4.62
N LYS A 33 -9.84 2.64 3.97
CA LYS A 33 -11.13 2.60 4.65
C LYS A 33 -11.62 1.16 4.80
N ASP A 34 -11.58 0.66 6.03
CA ASP A 34 -12.03 -0.70 6.32
C ASP A 34 -11.31 -1.71 5.42
N GLY A 35 -10.09 -1.36 5.00
CA GLY A 35 -9.32 -2.23 4.14
C GLY A 35 -9.59 -1.98 2.67
N ARG A 36 -9.66 -0.71 2.29
CA ARG A 36 -9.91 -0.32 0.90
C ARG A 36 -8.67 -0.60 0.04
N ILE A 37 -7.51 -0.60 0.66
CA ILE A 37 -6.26 -0.84 -0.05
C ILE A 37 -6.09 -2.32 -0.37
N LEU A 38 -6.61 -2.74 -1.52
CA LEU A 38 -6.51 -4.13 -1.94
C LEU A 38 -5.53 -4.28 -3.10
N LYS A 39 -5.33 -5.52 -3.54
CA LYS A 39 -4.41 -5.79 -4.64
C LYS A 39 -4.76 -4.97 -5.87
N GLU A 40 -6.04 -4.62 -5.99
CA GLU A 40 -6.51 -3.82 -7.12
C GLU A 40 -5.74 -2.50 -7.21
N ASP A 41 -5.49 -1.89 -6.06
CA ASP A 41 -4.77 -0.62 -6.00
C ASP A 41 -3.26 -0.86 -5.96
N ILE A 42 -2.86 -1.91 -5.24
CA ILE A 42 -1.45 -2.23 -5.11
C ILE A 42 -0.83 -2.56 -6.46
N LEU A 43 -1.43 -3.52 -7.16
CA LEU A 43 -0.94 -3.93 -8.48
C LEU A 43 -0.79 -2.72 -9.40
N ASN A 44 -1.70 -1.75 -9.26
CA ASN A 44 -1.66 -0.55 -10.07
C ASN A 44 -0.58 0.40 -9.59
N TYR A 45 -0.26 0.33 -8.30
CA TYR A 45 0.76 1.19 -7.71
C TYR A 45 2.16 0.73 -8.12
N LEU A 46 2.47 -0.53 -7.86
CA LEU A 46 3.77 -1.10 -8.20
C LEU A 46 4.01 -1.02 -9.71
N GLU A 47 2.93 -1.00 -10.48
CA GLU A 47 3.02 -0.93 -11.92
C GLU A 47 3.18 0.52 -12.40
N LYS A 48 2.48 1.43 -11.73
CA LYS A 48 2.54 2.84 -12.07
C LYS A 48 3.92 3.42 -11.76
N GLN A 49 4.41 4.27 -12.65
CA GLN A 49 5.72 4.89 -12.48
C GLN A 49 6.79 3.84 -12.17
N THR A 50 6.96 2.90 -13.09
CA THR A 50 7.94 1.84 -12.90
C THR A 50 9.35 2.33 -13.23
N LEU A 51 10.16 2.54 -12.20
CA LEU A 51 11.52 3.01 -12.39
C LEU A 51 12.34 2.83 -11.11
N GLU A 52 13.60 2.44 -11.26
CA GLU A 52 14.47 2.24 -10.11
C GLU A 52 14.53 3.49 -9.23
N GLY A 1 8.37 15.90 3.15
CA GLY A 1 8.07 14.48 3.06
C GLY A 1 7.80 13.85 4.41
N GLU A 2 6.62 14.11 4.96
CA GLU A 2 6.24 13.56 6.26
C GLU A 2 4.82 13.02 6.23
N ILE A 3 4.65 11.80 6.74
CA ILE A 3 3.33 11.17 6.76
C ILE A 3 3.01 10.65 8.17
N LYS A 4 1.73 10.61 8.49
CA LYS A 4 1.28 10.13 9.79
C LYS A 4 0.47 8.84 9.66
N GLY A 5 0.87 7.81 10.40
CA GLY A 5 0.17 6.55 10.35
C GLY A 5 1.11 5.36 10.52
N ARG A 6 0.99 4.69 11.67
CA ARG A 6 1.83 3.53 11.96
C ARG A 6 1.24 2.27 11.36
N LYS A 7 -0.08 2.18 11.35
CA LYS A 7 -0.78 1.01 10.80
C LYS A 7 -1.44 1.36 9.48
N THR A 8 -1.88 0.33 8.75
CA THR A 8 -2.54 0.52 7.47
C THR A 8 -3.73 -0.42 7.31
N LEU A 9 -4.63 -0.07 6.39
CA LEU A 9 -5.82 -0.89 6.15
C LEU A 9 -5.64 -1.74 4.89
N ALA A 10 -5.39 -3.03 5.09
CA ALA A 10 -5.21 -3.95 3.98
C ALA A 10 -5.08 -5.39 4.47
N THR A 11 -5.44 -6.34 3.60
CA THR A 11 -5.36 -7.75 3.96
C THR A 11 -3.98 -8.12 4.46
N PRO A 12 -3.88 -9.25 5.17
CA PRO A 12 -2.62 -9.75 5.72
C PRO A 12 -1.67 -10.25 4.63
N ALA A 13 -2.23 -10.50 3.45
CA ALA A 13 -1.43 -10.99 2.32
C ALA A 13 -0.77 -9.83 1.59
N VAL A 14 -1.38 -8.65 1.68
CA VAL A 14 -0.85 -7.46 1.02
C VAL A 14 0.37 -6.92 1.75
N ARG A 15 0.39 -7.11 3.06
CA ARG A 15 1.50 -6.63 3.88
C ARG A 15 2.83 -7.17 3.36
N ARG A 16 2.95 -8.50 3.31
CA ARG A 16 4.17 -9.13 2.82
C ARG A 16 4.36 -8.88 1.33
N LEU A 17 3.26 -8.62 0.63
CA LEU A 17 3.31 -8.37 -0.81
C LEU A 17 4.04 -7.08 -1.11
N ALA A 18 3.59 -5.98 -0.52
CA ALA A 18 4.22 -4.68 -0.72
C ALA A 18 5.71 -4.74 -0.42
N MET A 19 6.10 -5.67 0.45
CA MET A 19 7.50 -5.82 0.82
C MET A 19 8.32 -6.36 -0.36
N GLU A 20 7.71 -7.24 -1.14
CA GLU A 20 8.38 -7.83 -2.29
C GLU A 20 8.71 -6.76 -3.33
N ASN A 21 7.98 -5.64 -3.28
CA ASN A 21 8.20 -4.55 -4.22
C ASN A 21 8.74 -3.32 -3.51
N ASN A 22 8.96 -3.45 -2.20
CA ASN A 22 9.48 -2.35 -1.41
C ASN A 22 8.65 -1.08 -1.61
N ILE A 23 7.38 -1.14 -1.22
CA ILE A 23 6.48 -0.01 -1.34
C ILE A 23 5.64 0.18 -0.08
N LYS A 24 5.67 1.40 0.45
CA LYS A 24 4.91 1.72 1.66
C LYS A 24 3.42 1.47 1.44
N LEU A 25 2.78 0.85 2.43
CA LEU A 25 1.35 0.57 2.35
C LEU A 25 0.53 1.85 2.41
N SER A 26 1.10 2.88 3.02
CA SER A 26 0.43 4.17 3.15
C SER A 26 0.62 5.01 1.88
N GLU A 27 1.75 4.81 1.21
CA GLU A 27 2.06 5.55 -0.01
C GLU A 27 1.09 5.17 -1.13
N VAL A 28 0.94 3.87 -1.36
CA VAL A 28 0.05 3.37 -2.40
C VAL A 28 -1.34 3.99 -2.28
N VAL A 29 -2.00 4.16 -3.41
CA VAL A 29 -3.34 4.75 -3.43
C VAL A 29 -4.36 3.80 -2.82
N GLY A 30 -5.40 4.37 -2.23
CA GLY A 30 -6.44 3.56 -1.60
C GLY A 30 -7.40 4.38 -0.78
N SER A 31 -8.25 3.71 -0.01
CA SER A 31 -9.24 4.38 0.82
C SER A 31 -8.96 4.12 2.30
N GLY A 32 -8.15 3.10 2.58
CA GLY A 32 -7.82 2.76 3.95
C GLY A 32 -9.04 2.63 4.83
N LYS A 33 -10.16 2.24 4.22
CA LYS A 33 -11.42 2.07 4.95
C LYS A 33 -11.75 0.60 5.13
N ASP A 34 -11.57 0.09 6.34
CA ASP A 34 -11.86 -1.30 6.64
C ASP A 34 -11.05 -2.23 5.74
N GLY A 35 -9.94 -1.72 5.22
CA GLY A 35 -9.08 -2.52 4.35
C GLY A 35 -9.42 -2.32 2.88
N ARG A 36 -9.42 -1.06 2.45
CA ARG A 36 -9.73 -0.74 1.05
C ARG A 36 -8.51 -0.99 0.16
N ILE A 37 -7.32 -0.87 0.74
CA ILE A 37 -6.09 -1.08 0.00
C ILE A 37 -5.86 -2.57 -0.27
N LEU A 38 -6.39 -3.06 -1.37
CA LEU A 38 -6.24 -4.47 -1.74
C LEU A 38 -5.36 -4.61 -2.98
N LYS A 39 -5.21 -5.84 -3.45
CA LYS A 39 -4.40 -6.12 -4.63
C LYS A 39 -4.86 -5.27 -5.81
N GLU A 40 -6.16 -4.97 -5.85
CA GLU A 40 -6.72 -4.16 -6.93
C GLU A 40 -6.02 -2.81 -7.01
N ASP A 41 -5.72 -2.24 -5.86
CA ASP A 41 -5.05 -0.94 -5.80
C ASP A 41 -3.54 -1.09 -5.86
N ILE A 42 -3.02 -2.15 -5.22
CA ILE A 42 -1.59 -2.42 -5.20
C ILE A 42 -1.07 -2.69 -6.61
N LEU A 43 -1.68 -3.67 -7.27
CA LEU A 43 -1.29 -4.03 -8.63
C LEU A 43 -1.32 -2.82 -9.55
N ASN A 44 -2.25 -1.92 -9.30
CA ASN A 44 -2.38 -0.70 -10.11
C ASN A 44 -1.30 0.31 -9.75
N TYR A 45 -0.84 0.26 -8.51
CA TYR A 45 0.19 1.18 -8.04
C TYR A 45 1.58 0.71 -8.48
N LEU A 46 1.90 -0.54 -8.18
CA LEU A 46 3.20 -1.10 -8.55
C LEU A 46 3.48 -0.90 -10.03
N GLU A 47 2.42 -0.88 -10.83
CA GLU A 47 2.56 -0.67 -12.28
C GLU A 47 3.06 0.73 -12.58
N LYS A 48 2.45 1.72 -11.93
CA LYS A 48 2.84 3.12 -12.13
C LYS A 48 4.31 3.34 -11.81
N GLN A 49 4.96 4.19 -12.59
CA GLN A 49 6.38 4.48 -12.36
C GLN A 49 6.60 5.11 -10.98
N THR A 50 7.54 4.55 -10.23
CA THR A 50 7.85 5.04 -8.90
C THR A 50 9.35 5.27 -8.74
N LEU A 51 9.70 6.13 -7.78
CA LEU A 51 11.11 6.44 -7.53
C LEU A 51 11.80 6.95 -8.80
N GLU A 52 11.10 7.82 -9.53
CA GLU A 52 11.66 8.37 -10.76
C GLU A 52 12.40 7.31 -11.55
N GLY A 1 -2.54 11.89 8.16
CA GLY A 1 -3.41 12.06 9.32
C GLY A 1 -2.65 12.52 10.55
N GLU A 2 -3.15 13.56 11.20
CA GLU A 2 -2.50 14.09 12.40
C GLU A 2 -2.59 13.09 13.56
N ILE A 3 -3.70 12.35 13.61
CA ILE A 3 -3.89 11.36 14.66
C ILE A 3 -3.19 10.05 14.33
N LYS A 4 -2.43 9.54 15.28
CA LYS A 4 -1.70 8.29 15.09
C LYS A 4 -2.55 7.09 15.50
N GLY A 5 -3.08 6.38 14.50
CA GLY A 5 -3.91 5.22 14.78
C GLY A 5 -3.23 3.92 14.39
N ARG A 6 -3.60 3.38 13.23
CA ARG A 6 -3.03 2.14 12.75
C ARG A 6 -1.84 2.40 11.82
N LYS A 7 -0.81 1.57 11.93
CA LYS A 7 0.38 1.72 11.11
C LYS A 7 0.01 1.79 9.62
N THR A 8 -0.60 0.72 9.11
CA THR A 8 -1.01 0.67 7.72
C THR A 8 -2.46 0.23 7.59
N LEU A 9 -3.11 0.65 6.50
CA LEU A 9 -4.50 0.30 6.26
C LEU A 9 -4.63 -0.60 5.04
N ALA A 10 -4.57 -1.91 5.27
CA ALA A 10 -4.69 -2.87 4.18
C ALA A 10 -4.74 -4.30 4.73
N THR A 11 -5.25 -5.23 3.91
CA THR A 11 -5.37 -6.61 4.31
C THR A 11 -4.03 -7.16 4.80
N PRO A 12 -4.08 -8.27 5.56
CA PRO A 12 -2.87 -8.91 6.10
C PRO A 12 -2.05 -9.59 5.02
N ALA A 13 -2.65 -9.80 3.86
CA ALA A 13 -1.98 -10.44 2.74
C ALA A 13 -1.18 -9.43 1.94
N VAL A 14 -1.57 -8.16 2.02
CA VAL A 14 -0.89 -7.09 1.29
C VAL A 14 0.42 -6.73 1.98
N ARG A 15 0.46 -6.86 3.29
CA ARG A 15 1.65 -6.54 4.07
C ARG A 15 2.86 -7.31 3.54
N ARG A 16 2.71 -8.63 3.45
CA ARG A 16 3.79 -9.48 2.96
C ARG A 16 3.99 -9.31 1.46
N LEU A 17 2.90 -9.09 0.75
CA LEU A 17 2.96 -8.89 -0.70
C LEU A 17 3.98 -7.82 -1.07
N ALA A 18 3.73 -6.60 -0.62
CA ALA A 18 4.63 -5.49 -0.89
C ALA A 18 6.06 -5.81 -0.46
N MET A 19 6.19 -6.49 0.67
CA MET A 19 7.50 -6.85 1.20
C MET A 19 8.25 -7.73 0.21
N GLU A 20 7.50 -8.54 -0.55
CA GLU A 20 8.10 -9.42 -1.53
C GLU A 20 8.98 -8.65 -2.52
N ASN A 21 8.46 -7.52 -3.00
CA ASN A 21 9.20 -6.68 -3.93
C ASN A 21 9.96 -5.58 -3.19
N ASN A 22 10.18 -5.78 -1.90
CA ASN A 22 10.89 -4.80 -1.09
C ASN A 22 10.21 -3.44 -1.16
N ILE A 23 8.94 -3.40 -0.78
CA ILE A 23 8.18 -2.15 -0.80
C ILE A 23 7.32 -2.01 0.46
N LYS A 24 7.32 -0.81 1.02
CA LYS A 24 6.54 -0.54 2.24
C LYS A 24 5.06 -0.35 1.89
N LEU A 25 4.27 0.00 2.90
CA LEU A 25 2.84 0.22 2.71
C LEU A 25 2.46 1.67 3.02
N SER A 26 3.45 2.55 2.96
CA SER A 26 3.24 3.97 3.24
C SER A 26 3.59 4.82 2.03
N GLU A 27 3.98 4.16 0.94
CA GLU A 27 4.36 4.86 -0.28
C GLU A 27 3.41 4.50 -1.42
N VAL A 28 2.81 3.32 -1.34
CA VAL A 28 1.88 2.86 -2.37
C VAL A 28 0.81 3.91 -2.64
N VAL A 29 0.34 3.97 -3.89
CA VAL A 29 -0.69 4.92 -4.28
C VAL A 29 -2.03 4.57 -3.64
N GLY A 30 -2.24 5.03 -2.41
CA GLY A 30 -3.48 4.76 -1.72
C GLY A 30 -3.88 5.88 -0.79
N SER A 31 -4.92 5.66 0.00
CA SER A 31 -5.41 6.67 0.93
C SER A 31 -5.24 6.20 2.37
N GLY A 32 -5.00 4.91 2.55
CA GLY A 32 -4.81 4.36 3.88
C GLY A 32 -5.97 4.68 4.80
N LYS A 33 -7.16 4.84 4.23
CA LYS A 33 -8.35 5.14 5.01
C LYS A 33 -9.31 3.96 5.03
N ASP A 34 -9.40 3.30 6.19
CA ASP A 34 -10.29 2.15 6.34
C ASP A 34 -9.86 1.01 5.42
N GLY A 35 -8.57 0.99 5.07
CA GLY A 35 -8.05 -0.05 4.20
C GLY A 35 -8.22 0.29 2.73
N ARG A 36 -7.82 1.50 2.35
CA ARG A 36 -7.93 1.94 0.97
C ARG A 36 -6.87 1.26 0.10
N ILE A 37 -5.71 0.98 0.69
CA ILE A 37 -4.63 0.32 -0.04
C ILE A 37 -4.94 -1.15 -0.28
N LEU A 38 -5.34 -1.47 -1.50
CA LEU A 38 -5.66 -2.85 -1.86
C LEU A 38 -4.75 -3.35 -2.98
N LYS A 39 -4.97 -4.58 -3.41
CA LYS A 39 -4.16 -5.17 -4.47
C LYS A 39 -4.15 -4.29 -5.71
N GLU A 40 -5.24 -3.56 -5.92
CA GLU A 40 -5.35 -2.67 -7.06
C GLU A 40 -4.27 -1.59 -7.03
N ASP A 41 -3.96 -1.12 -5.83
CA ASP A 41 -2.94 -0.09 -5.66
C ASP A 41 -1.55 -0.70 -5.64
N ILE A 42 -1.44 -1.90 -5.07
CA ILE A 42 -0.16 -2.58 -4.98
C ILE A 42 0.33 -3.00 -6.36
N LEU A 43 -0.51 -3.73 -7.09
CA LEU A 43 -0.16 -4.18 -8.43
C LEU A 43 0.17 -3.00 -9.34
N ASN A 44 -0.50 -1.88 -9.12
CA ASN A 44 -0.29 -0.68 -9.91
C ASN A 44 1.00 0.02 -9.50
N TYR A 45 1.34 -0.08 -8.21
CA TYR A 45 2.55 0.55 -7.70
C TYR A 45 3.78 -0.26 -8.08
N LEU A 46 3.78 -1.54 -7.75
CA LEU A 46 4.90 -2.43 -8.06
C LEU A 46 5.22 -2.38 -9.56
N GLU A 47 4.20 -2.17 -10.38
CA GLU A 47 4.37 -2.12 -11.82
C GLU A 47 4.87 -0.74 -12.25
N LYS A 48 4.32 0.30 -11.63
CA LYS A 48 4.71 1.67 -11.94
C LYS A 48 4.97 1.83 -13.44
N GLN A 49 3.90 1.89 -14.23
CA GLN A 49 4.01 2.04 -15.67
C GLN A 49 3.41 3.36 -16.13
N THR A 50 2.33 3.76 -15.48
CA THR A 50 1.65 5.01 -15.81
C THR A 50 1.54 5.93 -14.60
N LEU A 51 1.84 7.20 -14.80
CA LEU A 51 1.78 8.19 -13.72
C LEU A 51 1.45 9.57 -14.26
N GLU A 52 0.71 10.34 -13.48
CA GLU A 52 0.32 11.69 -13.88
C GLU A 52 1.54 12.50 -14.32
N GLY A 1 11.35 15.72 12.03
CA GLY A 1 9.99 15.23 12.12
C GLY A 1 9.90 13.82 12.66
N GLU A 2 9.22 13.66 13.78
CA GLU A 2 9.08 12.34 14.41
C GLU A 2 7.62 12.07 14.76
N ILE A 3 6.88 11.51 13.81
CA ILE A 3 5.47 11.20 14.01
C ILE A 3 5.18 9.74 13.69
N LYS A 4 4.78 8.98 14.71
CA LYS A 4 4.47 7.56 14.54
C LYS A 4 2.97 7.35 14.34
N GLY A 5 2.60 6.70 13.26
CA GLY A 5 1.20 6.44 12.98
C GLY A 5 0.87 6.59 11.50
N ARG A 6 0.27 5.55 10.92
CA ARG A 6 -0.10 5.57 9.52
C ARG A 6 -1.51 5.02 9.32
N LYS A 7 -2.20 5.52 8.30
CA LYS A 7 -3.55 5.07 8.00
C LYS A 7 -3.57 4.16 6.78
N THR A 8 -3.55 2.85 7.02
CA THR A 8 -3.57 1.88 5.94
C THR A 8 -4.51 0.72 6.25
N LEU A 9 -5.28 0.31 5.25
CA LEU A 9 -6.23 -0.79 5.42
C LEU A 9 -5.99 -1.88 4.37
N ALA A 10 -5.59 -3.05 4.84
CA ALA A 10 -5.33 -4.18 3.95
C ALA A 10 -5.02 -5.44 4.74
N THR A 11 -5.29 -6.59 4.13
CA THR A 11 -5.04 -7.88 4.77
C THR A 11 -3.59 -7.99 5.24
N PRO A 12 -3.34 -8.90 6.20
CA PRO A 12 -2.00 -9.12 6.75
C PRO A 12 -1.06 -9.77 5.74
N ALA A 13 -1.64 -10.36 4.69
CA ALA A 13 -0.86 -11.02 3.66
C ALA A 13 -0.37 -10.02 2.62
N VAL A 14 -1.11 -8.91 2.48
CA VAL A 14 -0.74 -7.87 1.52
C VAL A 14 0.36 -6.98 2.06
N ARG A 15 0.39 -6.81 3.37
CA ARG A 15 1.40 -5.98 4.02
C ARG A 15 2.80 -6.43 3.63
N ARG A 16 3.11 -7.70 3.91
CA ARG A 16 4.42 -8.25 3.59
C ARG A 16 4.71 -8.13 2.09
N LEU A 17 3.68 -8.31 1.28
CA LEU A 17 3.83 -8.22 -0.17
C LEU A 17 4.49 -6.90 -0.58
N ALA A 18 3.90 -5.80 -0.16
CA ALA A 18 4.43 -4.48 -0.47
C ALA A 18 5.90 -4.36 -0.05
N MET A 19 6.28 -5.16 0.94
CA MET A 19 7.65 -5.15 1.43
C MET A 19 8.61 -5.71 0.38
N GLU A 20 8.15 -6.70 -0.36
CA GLU A 20 8.96 -7.33 -1.40
C GLU A 20 9.29 -6.33 -2.51
N ASN A 21 8.44 -5.31 -2.66
CA ASN A 21 8.64 -4.29 -3.68
C ASN A 21 9.03 -2.96 -3.04
N ASN A 22 9.25 -2.97 -1.73
CA ASN A 22 9.64 -1.77 -1.01
C ASN A 22 8.64 -0.64 -1.27
N ILE A 23 7.43 -0.79 -0.74
CA ILE A 23 6.39 0.21 -0.92
C ILE A 23 5.47 0.28 0.30
N LYS A 24 5.25 1.49 0.80
CA LYS A 24 4.38 1.68 1.96
C LYS A 24 2.93 1.42 1.61
N LEU A 25 2.17 0.90 2.57
CA LEU A 25 0.76 0.61 2.36
C LEU A 25 -0.04 1.89 2.11
N SER A 26 0.52 3.02 2.54
CA SER A 26 -0.13 4.31 2.36
C SER A 26 0.17 4.89 0.99
N GLU A 27 1.41 4.71 0.53
CA GLU A 27 1.83 5.21 -0.76
C GLU A 27 0.93 4.69 -1.88
N VAL A 28 0.77 3.37 -1.92
CA VAL A 28 -0.08 2.74 -2.94
C VAL A 28 -1.49 3.31 -2.91
N VAL A 29 -2.17 3.24 -4.05
CA VAL A 29 -3.52 3.75 -4.17
C VAL A 29 -4.50 2.91 -3.34
N GLY A 30 -5.57 3.54 -2.87
CA GLY A 30 -6.56 2.85 -2.08
C GLY A 30 -7.37 3.79 -1.20
N SER A 31 -8.55 3.34 -0.81
CA SER A 31 -9.43 4.15 0.03
C SER A 31 -9.09 3.97 1.50
N GLY A 32 -8.35 2.91 1.81
CA GLY A 32 -7.96 2.64 3.18
C GLY A 32 -9.13 2.72 4.14
N LYS A 33 -10.32 2.37 3.64
CA LYS A 33 -11.53 2.40 4.46
C LYS A 33 -11.69 1.10 5.24
N ASP A 34 -12.08 0.04 4.55
CA ASP A 34 -12.26 -1.26 5.18
C ASP A 34 -11.58 -2.35 4.37
N GLY A 35 -10.32 -2.13 4.01
CA GLY A 35 -9.58 -3.11 3.23
C GLY A 35 -9.65 -2.83 1.74
N ARG A 36 -9.82 -1.56 1.38
CA ARG A 36 -9.90 -1.17 -0.02
C ARG A 36 -8.59 -1.46 -0.74
N ILE A 37 -7.49 -1.43 0.02
CA ILE A 37 -6.17 -1.70 -0.55
C ILE A 37 -5.90 -3.19 -0.66
N LEU A 38 -6.30 -3.78 -1.78
CA LEU A 38 -6.10 -5.21 -2.01
C LEU A 38 -5.14 -5.44 -3.17
N LYS A 39 -4.96 -6.71 -3.54
CA LYS A 39 -4.07 -7.07 -4.64
C LYS A 39 -4.44 -6.30 -5.90
N GLU A 40 -5.72 -5.99 -6.06
CA GLU A 40 -6.19 -5.25 -7.22
C GLU A 40 -5.60 -3.86 -7.27
N ASP A 41 -5.38 -3.28 -6.10
CA ASP A 41 -4.81 -1.93 -5.99
C ASP A 41 -3.29 -1.99 -5.94
N ILE A 42 -2.76 -3.05 -5.34
CA ILE A 42 -1.31 -3.22 -5.23
C ILE A 42 -0.70 -3.61 -6.58
N LEU A 43 -1.22 -4.68 -7.17
CA LEU A 43 -0.73 -5.14 -8.46
C LEU A 43 -0.70 -4.02 -9.48
N ASN A 44 -1.75 -3.21 -9.49
CA ASN A 44 -1.85 -2.09 -10.42
C ASN A 44 -0.81 -1.02 -10.08
N TYR A 45 -0.42 -0.95 -8.82
CA TYR A 45 0.57 0.03 -8.38
C TYR A 45 1.98 -0.43 -8.71
N LEU A 46 2.31 -1.65 -8.30
CA LEU A 46 3.63 -2.21 -8.57
C LEU A 46 3.97 -2.14 -10.05
N GLU A 47 2.95 -2.17 -10.89
CA GLU A 47 3.14 -2.10 -12.34
C GLU A 47 3.33 -0.67 -12.80
N LYS A 48 2.43 0.22 -12.37
CA LYS A 48 2.50 1.63 -12.73
C LYS A 48 3.73 2.28 -12.12
N GLN A 49 4.17 3.39 -12.71
CA GLN A 49 5.33 4.12 -12.22
C GLN A 49 5.00 4.90 -10.96
N THR A 50 6.02 5.11 -10.12
CA THR A 50 5.83 5.83 -8.87
C THR A 50 6.57 7.17 -8.89
N LEU A 51 7.66 7.22 -9.67
CA LEU A 51 8.46 8.43 -9.78
C LEU A 51 7.99 9.29 -10.95
N GLU A 52 8.57 10.48 -11.07
CA GLU A 52 8.22 11.39 -12.15
C GLU A 52 8.52 10.78 -13.51
N GLY A 1 1.15 18.33 1.31
CA GLY A 1 0.53 17.41 2.24
C GLY A 1 1.37 16.18 2.50
N GLU A 2 0.94 15.36 3.46
CA GLU A 2 1.67 14.14 3.80
C GLU A 2 0.73 13.09 4.37
N ILE A 3 1.10 11.82 4.18
CA ILE A 3 0.28 10.71 4.68
C ILE A 3 0.47 10.51 6.18
N LYS A 4 -0.56 10.81 6.95
CA LYS A 4 -0.51 10.66 8.40
C LYS A 4 -1.05 9.30 8.83
N GLY A 5 -0.20 8.50 9.47
CA GLY A 5 -0.63 7.19 9.92
C GLY A 5 0.44 6.13 9.69
N ARG A 6 0.39 5.07 10.48
CA ARG A 6 1.35 3.98 10.36
C ARG A 6 0.67 2.68 9.94
N LYS A 7 -0.19 2.17 10.82
CA LYS A 7 -0.92 0.94 10.55
C LYS A 7 -1.85 1.10 9.34
N THR A 8 -1.69 0.23 8.36
CA THR A 8 -2.51 0.28 7.15
C THR A 8 -3.66 -0.72 7.23
N LEU A 9 -4.50 -0.72 6.20
CA LEU A 9 -5.65 -1.63 6.16
C LEU A 9 -5.64 -2.45 4.88
N ALA A 10 -5.39 -3.75 5.02
CA ALA A 10 -5.36 -4.66 3.88
C ALA A 10 -5.20 -6.11 4.34
N THR A 11 -5.49 -7.04 3.43
CA THR A 11 -5.38 -8.46 3.74
C THR A 11 -3.99 -8.81 4.25
N PRO A 12 -3.88 -9.95 4.94
CA PRO A 12 -2.62 -10.43 5.50
C PRO A 12 -1.63 -10.87 4.43
N ALA A 13 -2.16 -11.11 3.22
CA ALA A 13 -1.33 -11.54 2.10
C ALA A 13 -0.69 -10.35 1.40
N VAL A 14 -1.35 -9.20 1.47
CA VAL A 14 -0.84 -7.98 0.85
C VAL A 14 0.33 -7.42 1.63
N ARG A 15 0.32 -7.61 2.94
CA ARG A 15 1.39 -7.12 3.80
C ARG A 15 2.75 -7.61 3.31
N ARG A 16 2.91 -8.92 3.26
CA ARG A 16 4.17 -9.52 2.82
C ARG A 16 4.43 -9.21 1.34
N LEU A 17 3.36 -9.22 0.55
CA LEU A 17 3.46 -8.94 -0.88
C LEU A 17 4.22 -7.63 -1.13
N ALA A 18 3.77 -6.56 -0.47
CA ALA A 18 4.41 -5.26 -0.62
C ALA A 18 5.91 -5.34 -0.33
N MET A 19 6.29 -6.32 0.49
CA MET A 19 7.69 -6.52 0.83
C MET A 19 8.49 -7.02 -0.35
N GLU A 20 7.85 -7.79 -1.22
CA GLU A 20 8.50 -8.34 -2.40
C GLU A 20 8.83 -7.23 -3.39
N ASN A 21 8.13 -6.11 -3.28
CA ASN A 21 8.35 -4.98 -4.18
C ASN A 21 8.96 -3.80 -3.42
N ASN A 22 9.20 -3.99 -2.13
CA ASN A 22 9.79 -2.95 -1.29
C ASN A 22 8.94 -1.68 -1.35
N ILE A 23 7.65 -1.83 -1.08
CA ILE A 23 6.74 -0.69 -1.10
C ILE A 23 5.78 -0.74 0.09
N LYS A 24 6.09 0.01 1.14
CA LYS A 24 5.26 0.06 2.33
C LYS A 24 3.81 0.35 1.96
N LEU A 25 2.88 -0.12 2.79
CA LEU A 25 1.46 0.10 2.56
C LEU A 25 1.09 1.56 2.78
N SER A 26 2.02 2.32 3.35
CA SER A 26 1.79 3.74 3.62
C SER A 26 2.00 4.57 2.36
N GLU A 27 2.93 4.13 1.52
CA GLU A 27 3.23 4.83 0.28
C GLU A 27 2.15 4.58 -0.77
N VAL A 28 1.74 3.32 -0.90
CA VAL A 28 0.72 2.94 -1.86
C VAL A 28 -0.57 3.70 -1.62
N VAL A 29 -1.31 3.96 -2.69
CA VAL A 29 -2.57 4.68 -2.61
C VAL A 29 -3.63 3.86 -1.89
N GLY A 30 -4.41 4.51 -1.04
CA GLY A 30 -5.45 3.82 -0.31
C GLY A 30 -5.98 4.63 0.87
N SER A 31 -7.22 4.37 1.25
CA SER A 31 -7.85 5.09 2.35
C SER A 31 -7.49 4.44 3.69
N GLY A 32 -7.01 3.20 3.64
CA GLY A 32 -6.64 2.50 4.85
C GLY A 32 -7.74 2.53 5.89
N LYS A 33 -8.98 2.62 5.45
CA LYS A 33 -10.13 2.67 6.35
C LYS A 33 -10.43 1.28 6.91
N ASP A 34 -11.02 0.44 6.08
CA ASP A 34 -11.38 -0.92 6.49
C ASP A 34 -10.91 -1.94 5.46
N GLY A 35 -9.81 -1.61 4.77
CA GLY A 35 -9.27 -2.52 3.76
C GLY A 35 -9.28 -1.90 2.37
N ARG A 36 -9.36 -0.57 2.33
CA ARG A 36 -9.37 0.14 1.05
C ARG A 36 -8.16 -0.24 0.21
N ILE A 37 -7.07 -0.58 0.86
CA ILE A 37 -5.84 -0.96 0.17
C ILE A 37 -5.91 -2.41 -0.30
N LEU A 38 -6.44 -2.62 -1.49
CA LEU A 38 -6.56 -3.96 -2.06
C LEU A 38 -5.62 -4.14 -3.24
N LYS A 39 -5.67 -5.31 -3.86
CA LYS A 39 -4.83 -5.61 -5.01
C LYS A 39 -4.98 -4.54 -6.10
N GLU A 40 -6.16 -3.94 -6.16
CA GLU A 40 -6.44 -2.91 -7.16
C GLU A 40 -5.53 -1.70 -6.95
N ASP A 41 -5.18 -1.45 -5.68
CA ASP A 41 -4.31 -0.32 -5.34
C ASP A 41 -2.84 -0.73 -5.41
N ILE A 42 -2.55 -1.95 -4.99
CA ILE A 42 -1.19 -2.46 -5.00
C ILE A 42 -0.69 -2.67 -6.42
N LEU A 43 -1.45 -3.41 -7.22
CA LEU A 43 -1.09 -3.68 -8.60
C LEU A 43 -1.04 -2.39 -9.42
N ASN A 44 -1.91 -1.45 -9.07
CA ASN A 44 -1.97 -0.16 -9.77
C ASN A 44 -0.82 0.74 -9.32
N TYR A 45 -0.49 0.69 -8.04
CA TYR A 45 0.58 1.51 -7.50
C TYR A 45 1.95 0.98 -7.94
N LEU A 46 2.20 -0.31 -7.68
CA LEU A 46 3.46 -0.92 -8.05
C LEU A 46 3.79 -0.66 -9.52
N GLU A 47 2.75 -0.57 -10.34
CA GLU A 47 2.94 -0.31 -11.77
C GLU A 47 3.75 0.96 -11.99
N LYS A 48 3.49 1.97 -11.17
CA LYS A 48 4.20 3.24 -11.28
C LYS A 48 5.66 3.09 -10.87
N GLN A 49 6.56 3.43 -11.78
CA GLN A 49 7.99 3.33 -11.52
C GLN A 49 8.59 4.69 -11.21
N THR A 50 9.90 4.74 -11.01
CA THR A 50 10.60 5.99 -10.71
C THR A 50 10.10 6.58 -9.40
N LEU A 51 9.95 5.74 -8.38
CA LEU A 51 9.48 6.19 -7.08
C LEU A 51 10.46 5.77 -5.98
N GLU A 52 10.30 6.36 -4.80
CA GLU A 52 11.17 6.06 -3.67
C GLU A 52 10.38 5.40 -2.54
N GLY A 1 5.46 13.85 4.84
CA GLY A 1 4.47 12.98 5.45
C GLY A 1 3.68 13.68 6.55
N GLU A 2 2.37 13.51 6.53
CA GLU A 2 1.50 14.13 7.52
C GLU A 2 0.72 13.08 8.30
N ILE A 3 0.58 13.29 9.61
CA ILE A 3 -0.14 12.36 10.46
C ILE A 3 0.11 10.92 10.04
N LYS A 4 1.36 10.60 9.75
CA LYS A 4 1.73 9.25 9.34
C LYS A 4 1.33 8.23 10.40
N GLY A 5 0.93 7.04 9.95
CA GLY A 5 0.54 5.99 10.87
C GLY A 5 1.25 4.68 10.59
N ARG A 6 1.71 4.03 11.65
CA ARG A 6 2.40 2.76 11.52
C ARG A 6 1.45 1.65 11.09
N LYS A 7 0.20 1.77 11.51
CA LYS A 7 -0.82 0.77 11.17
C LYS A 7 -1.63 1.22 9.95
N THR A 8 -1.32 0.63 8.80
CA THR A 8 -2.01 0.97 7.56
C THR A 8 -3.34 0.23 7.46
N LEU A 9 -4.02 0.39 6.33
CA LEU A 9 -5.31 -0.26 6.11
C LEU A 9 -5.25 -1.19 4.89
N ALA A 10 -5.10 -2.48 5.15
CA ALA A 10 -5.03 -3.47 4.09
C ALA A 10 -4.95 -4.88 4.65
N THR A 11 -5.34 -5.86 3.84
CA THR A 11 -5.30 -7.26 4.26
C THR A 11 -3.92 -7.65 4.76
N PRO A 12 -3.85 -8.74 5.54
CA PRO A 12 -2.59 -9.24 6.10
C PRO A 12 -1.68 -9.84 5.03
N ALA A 13 -2.26 -10.13 3.86
CA ALA A 13 -1.49 -10.70 2.76
C ALA A 13 -0.81 -9.61 1.95
N VAL A 14 -1.36 -8.41 1.99
CA VAL A 14 -0.81 -7.28 1.27
C VAL A 14 0.48 -6.79 1.90
N ARG A 15 0.57 -6.92 3.22
CA ARG A 15 1.76 -6.50 3.95
C ARG A 15 3.02 -7.15 3.38
N ARG A 16 2.94 -8.46 3.15
CA ARG A 16 4.07 -9.21 2.61
C ARG A 16 4.24 -8.94 1.12
N LEU A 17 3.13 -8.70 0.44
CA LEU A 17 3.15 -8.42 -1.00
C LEU A 17 3.88 -7.12 -1.29
N ALA A 18 3.36 -6.01 -0.77
CA ALA A 18 3.97 -4.71 -0.99
C ALA A 18 5.43 -4.71 -0.56
N MET A 19 5.76 -5.56 0.42
CA MET A 19 7.12 -5.67 0.91
C MET A 19 8.03 -6.28 -0.14
N GLU A 20 7.48 -7.18 -0.95
CA GLU A 20 8.24 -7.85 -2.00
C GLU A 20 8.87 -6.82 -2.94
N ASN A 21 8.09 -5.82 -3.32
CA ASN A 21 8.57 -4.77 -4.22
C ASN A 21 9.13 -3.59 -3.44
N ASN A 22 9.39 -3.80 -2.17
CA ASN A 22 9.93 -2.76 -1.31
C ASN A 22 9.08 -1.49 -1.40
N ILE A 23 7.82 -1.61 -1.03
CA ILE A 23 6.90 -0.48 -1.06
C ILE A 23 6.09 -0.38 0.23
N LYS A 24 6.01 0.82 0.78
CA LYS A 24 5.27 1.05 2.01
C LYS A 24 3.77 0.84 1.80
N LEU A 25 3.06 0.48 2.87
CA LEU A 25 1.63 0.25 2.79
C LEU A 25 0.87 1.57 2.65
N SER A 26 1.39 2.61 3.30
CA SER A 26 0.75 3.92 3.26
C SER A 26 1.13 4.66 1.97
N GLU A 27 2.29 4.31 1.41
CA GLU A 27 2.77 4.94 0.19
C GLU A 27 1.83 4.64 -0.98
N VAL A 28 1.56 3.36 -1.19
CA VAL A 28 0.68 2.94 -2.28
C VAL A 28 -0.64 3.70 -2.24
N VAL A 29 -1.20 3.97 -3.41
CA VAL A 29 -2.46 4.68 -3.52
C VAL A 29 -3.62 3.84 -3.00
N GLY A 30 -4.54 4.48 -2.28
CA GLY A 30 -5.68 3.77 -1.75
C GLY A 30 -6.66 4.70 -1.05
N SER A 31 -7.57 4.11 -0.25
CA SER A 31 -8.56 4.90 0.47
C SER A 31 -8.36 4.77 1.97
N GLY A 32 -7.57 3.78 2.38
CA GLY A 32 -7.31 3.58 3.80
C GLY A 32 -8.58 3.55 4.63
N LYS A 33 -9.67 3.12 4.02
CA LYS A 33 -10.96 3.05 4.71
C LYS A 33 -11.29 1.62 5.10
N ASP A 34 -11.10 1.30 6.37
CA ASP A 34 -11.38 -0.05 6.88
C ASP A 34 -10.70 -1.10 6.03
N GLY A 35 -9.51 -0.78 5.53
CA GLY A 35 -8.77 -1.71 4.70
C GLY A 35 -9.19 -1.65 3.24
N ARG A 36 -9.40 -0.44 2.74
CA ARG A 36 -9.81 -0.25 1.35
C ARG A 36 -8.68 -0.63 0.40
N ILE A 37 -7.46 -0.60 0.90
CA ILE A 37 -6.29 -0.94 0.08
C ILE A 37 -6.18 -2.45 -0.12
N LEU A 38 -6.31 -2.89 -1.36
CA LEU A 38 -6.22 -4.31 -1.68
C LEU A 38 -5.31 -4.53 -2.88
N LYS A 39 -5.21 -5.79 -3.31
CA LYS A 39 -4.37 -6.14 -4.45
C LYS A 39 -4.73 -5.30 -5.67
N GLU A 40 -6.00 -4.91 -5.76
CA GLU A 40 -6.47 -4.10 -6.87
C GLU A 40 -5.69 -2.78 -6.97
N ASP A 41 -5.35 -2.22 -5.81
CA ASP A 41 -4.61 -0.97 -5.77
C ASP A 41 -3.10 -1.23 -5.78
N ILE A 42 -2.69 -2.30 -5.11
CA ILE A 42 -1.28 -2.66 -5.04
C ILE A 42 -0.74 -3.02 -6.43
N LEU A 43 -1.41 -3.96 -7.08
CA LEU A 43 -1.00 -4.40 -8.41
C LEU A 43 -0.94 -3.22 -9.38
N ASN A 44 -1.84 -2.26 -9.20
CA ASN A 44 -1.89 -1.07 -10.05
C ASN A 44 -0.78 -0.10 -9.68
N TYR A 45 -0.43 -0.06 -8.40
CA TYR A 45 0.62 0.84 -7.93
C TYR A 45 1.99 0.32 -8.33
N LEU A 46 2.28 -0.93 -7.97
CA LEU A 46 3.56 -1.53 -8.29
C LEU A 46 3.88 -1.39 -9.77
N GLU A 47 2.84 -1.40 -10.60
CA GLU A 47 3.00 -1.26 -12.04
C GLU A 47 3.31 0.19 -12.42
N LYS A 48 2.51 1.11 -11.89
CA LYS A 48 2.69 2.53 -12.18
C LYS A 48 4.11 2.98 -11.82
N GLN A 49 4.86 3.41 -12.83
CA GLN A 49 6.23 3.88 -12.62
C GLN A 49 6.27 5.01 -11.61
N THR A 50 7.26 4.97 -10.73
CA THR A 50 7.42 6.01 -9.70
C THR A 50 8.86 6.52 -9.66
N LEU A 51 9.02 7.84 -9.78
CA LEU A 51 10.34 8.44 -9.74
C LEU A 51 10.30 9.77 -8.99
N GLU A 52 11.33 10.03 -8.20
CA GLU A 52 11.42 11.27 -7.43
C GLU A 52 12.82 11.87 -7.53
#